data_2YVL
#
_entry.id   2YVL
#
_cell.length_a   69.826
_cell.length_b   97.237
_cell.length_c   212.687
_cell.angle_alpha   90.00
_cell.angle_beta   90.00
_cell.angle_gamma   90.00
#
_symmetry.space_group_name_H-M   'P 21 21 21'
#
loop_
_entity.id
_entity.type
_entity.pdbx_description
1 polymer 'Hypothetical protein'
2 non-polymer S-ADENOSYLMETHIONINE
3 water water
#
_entity_poly.entity_id   1
_entity_poly.type   'polypeptide(L)'
_entity_poly.pdbx_seq_one_letter_code
;MNSFKEGEYVLIRFGEKKFLRKLLPKQSLSVKKSVLKFDEVIGKPEGVKINGFEVYRPTLEEIILLGFERKTQIIYPKDS
FYIALKLNLNKEKRVLEFGTGSGALLAVLSEVAGEVWTFEAVEEFYKTAQKNLKKFNLGKNVKFFNVDFKDAEVPEGIFH
AAFVDVREPWHYLEKVHKSLMEGAPVGFLLPTANQVIKLLESIENYFGNLEVVEILHRHYKTISERFRPEDQMVAHTAYL
VFGRKLKT
;
_entity_poly.pdbx_strand_id   A,B,C,D
#
loop_
_chem_comp.id
_chem_comp.type
_chem_comp.name
_chem_comp.formula
SAM non-polymer S-ADENOSYLMETHIONINE 'C15 H22 N6 O5 S'
#
# COMPACT_ATOMS: atom_id res chain seq x y z
N ASN A 2 38.04 6.06 17.06
CA ASN A 2 36.69 5.58 16.62
C ASN A 2 36.16 4.44 17.49
N SER A 3 36.98 3.95 18.42
CA SER A 3 36.56 2.92 19.37
C SER A 3 35.43 3.43 20.27
N PHE A 4 34.58 2.52 20.73
CA PHE A 4 33.48 2.89 21.62
C PHE A 4 33.97 3.45 22.95
N LYS A 5 33.46 4.63 23.32
CA LYS A 5 33.78 5.29 24.58
C LYS A 5 32.68 5.06 25.61
N GLU A 6 33.07 5.10 26.88
CA GLU A 6 32.14 5.09 27.99
C GLU A 6 31.13 6.24 27.87
N GLY A 7 29.86 5.93 28.07
CA GLY A 7 28.82 6.95 28.10
C GLY A 7 28.16 7.32 26.79
N GLU A 8 28.71 6.88 25.65
CA GLU A 8 28.09 7.21 24.38
C GLU A 8 26.95 6.25 24.01
N TYR A 9 25.99 6.76 23.24
CA TYR A 9 24.84 5.96 22.80
C TYR A 9 25.22 5.06 21.63
N VAL A 10 24.84 3.79 21.74
CA VAL A 10 25.14 2.80 20.71
C VAL A 10 23.87 2.17 20.21
N LEU A 11 23.88 1.79 18.94
CA LEU A 11 22.81 1.01 18.32
C LEU A 11 23.21 -0.45 18.34
N ILE A 12 22.42 -1.26 19.04
CA ILE A 12 22.67 -2.70 19.18
C ILE A 12 21.62 -3.46 18.38
N ARG A 13 22.09 -4.35 17.50
CA ARG A 13 21.19 -5.17 16.70
C ARG A 13 21.26 -6.63 17.17
N PHE A 14 20.10 -7.19 17.47
CA PHE A 14 20.02 -8.57 17.92
C PHE A 14 18.82 -9.26 17.30
N GLY A 15 19.06 -10.31 16.53
CA GLY A 15 18.01 -10.91 15.71
C GLY A 15 17.39 -9.84 14.82
N GLU A 16 16.07 -9.72 14.87
CA GLU A 16 15.32 -8.76 14.05
C GLU A 16 15.26 -7.36 14.67
N LYS A 17 15.74 -7.22 15.90
CA LYS A 17 15.43 -6.06 16.73
C LYS A 17 16.61 -5.10 16.93
N LYS A 18 16.30 -3.81 16.96
CA LYS A 18 17.26 -2.76 17.27
C LYS A 18 17.06 -2.22 18.69
N PHE A 19 18.17 -1.89 19.35
CA PHE A 19 18.19 -1.33 20.70
C PHE A 19 19.14 -0.16 20.76
N LEU A 20 18.70 0.93 21.39
CA LEU A 20 19.60 2.04 21.65
C LEU A 20 19.91 2.11 23.15
N ARG A 21 21.19 2.11 23.48
CA ARG A 21 21.65 2.09 24.88
C ARG A 21 22.90 2.91 25.08
N LYS A 22 22.94 3.62 26.20
CA LYS A 22 24.14 4.29 26.66
C LYS A 22 25.15 3.23 27.11
N LEU A 23 26.40 3.38 26.71
CA LEU A 23 27.45 2.45 27.17
C LEU A 23 27.86 2.76 28.61
N LEU A 24 27.11 2.21 29.55
CA LEU A 24 27.34 2.42 30.96
C LEU A 24 28.15 1.26 31.51
N PRO A 25 29.28 1.55 32.18
CA PRO A 25 30.14 0.48 32.74
C PRO A 25 29.41 -0.43 33.73
N LYS A 26 29.74 -1.71 33.66
CA LYS A 26 29.16 -2.74 34.55
C LYS A 26 27.72 -3.09 34.22
N GLN A 27 27.15 -2.42 33.22
CA GLN A 27 25.77 -2.67 32.84
C GLN A 27 25.68 -3.63 31.65
N SER A 28 24.46 -4.08 31.34
CA SER A 28 24.24 -5.07 30.30
C SER A 28 22.91 -4.86 29.59
N LEU A 29 22.78 -5.52 28.44
CA LEU A 29 21.50 -5.68 27.78
C LEU A 29 21.26 -7.17 27.66
N SER A 30 20.07 -7.63 28.06
CA SER A 30 19.71 -9.01 27.87
C SER A 30 18.43 -9.14 27.01
N VAL A 31 18.48 -10.05 26.04
CA VAL A 31 17.35 -10.32 25.16
C VAL A 31 17.21 -11.84 25.05
N LYS A 32 16.06 -12.36 25.49
CA LYS A 32 15.74 -13.80 25.44
C LYS A 32 16.79 -14.65 26.17
N LYS A 33 17.27 -14.14 27.30
CA LYS A 33 18.31 -14.80 28.12
C LYS A 33 19.73 -14.73 27.52
N SER A 34 19.87 -14.07 26.37
CA SER A 34 21.20 -13.76 25.82
C SER A 34 21.68 -12.41 26.36
N VAL A 35 22.93 -12.37 26.81
CA VAL A 35 23.47 -11.20 27.50
C VAL A 35 24.59 -10.51 26.72
N LEU A 36 24.47 -9.20 26.60
CA LEU A 36 25.58 -8.36 26.17
C LEU A 36 26.09 -7.53 27.35
N LYS A 37 27.37 -7.68 27.66
CA LYS A 37 28.01 -6.87 28.69
C LYS A 37 28.68 -5.65 28.05
N PHE A 38 28.32 -4.46 28.52
CA PHE A 38 28.80 -3.20 27.95
C PHE A 38 30.30 -2.95 28.13
N ASP A 39 30.88 -3.59 29.14
CA ASP A 39 32.33 -3.54 29.39
C ASP A 39 33.11 -4.19 28.25
N GLU A 40 32.51 -5.18 27.61
CA GLU A 40 33.10 -5.87 26.46
C GLU A 40 32.96 -5.06 25.18
N VAL A 41 32.10 -4.03 25.19
CA VAL A 41 31.88 -3.18 24.02
C VAL A 41 32.81 -1.98 24.02
N ILE A 42 32.98 -1.37 25.18
CA ILE A 42 33.88 -0.22 25.35
C ILE A 42 35.28 -0.59 24.89
N GLY A 43 35.86 0.27 24.05
CA GLY A 43 37.19 0.03 23.48
C GLY A 43 37.21 -0.82 22.22
N LYS A 44 36.03 -1.24 21.76
CA LYS A 44 35.92 -2.02 20.53
C LYS A 44 35.60 -1.13 19.31
N PRO A 45 35.92 -1.61 18.09
CA PRO A 45 35.54 -0.88 16.89
C PRO A 45 34.05 -0.94 16.62
N GLU A 46 33.55 0.02 15.85
CA GLU A 46 32.18 -0.01 15.37
C GLU A 46 32.01 -1.20 14.43
N GLY A 47 30.90 -1.91 14.59
CA GLY A 47 30.61 -3.09 13.78
C GLY A 47 31.16 -4.38 14.37
N VAL A 48 31.49 -4.37 15.66
CA VAL A 48 31.81 -5.61 16.38
C VAL A 48 30.58 -6.45 16.61
N LYS A 49 30.80 -7.75 16.72
CA LYS A 49 29.76 -8.70 17.04
C LYS A 49 30.19 -9.47 18.29
N ILE A 50 29.36 -9.37 19.33
CA ILE A 50 29.63 -10.02 20.62
C ILE A 50 28.40 -10.81 21.05
N ASN A 51 28.55 -12.12 21.17
CA ASN A 51 27.50 -13.02 21.66
C ASN A 51 26.21 -12.94 20.82
N GLY A 52 26.37 -12.63 19.53
CA GLY A 52 25.24 -12.48 18.61
C GLY A 52 24.75 -11.06 18.43
N PHE A 53 25.24 -10.14 19.26
CA PHE A 53 24.87 -8.72 19.23
C PHE A 53 25.83 -7.92 18.35
N GLU A 54 25.30 -7.20 17.37
CA GLU A 54 26.11 -6.30 16.54
C GLU A 54 25.98 -4.88 17.07
N VAL A 55 27.11 -4.17 17.17
CA VAL A 55 27.13 -2.85 17.81
C VAL A 55 27.70 -1.77 16.92
N TYR A 56 26.90 -0.71 16.74
CA TYR A 56 27.24 0.42 15.90
C TYR A 56 26.96 1.72 16.63
N ARG A 57 27.36 2.84 16.03
CA ARG A 57 26.86 4.14 16.44
C ARG A 57 25.57 4.39 15.67
N PRO A 58 24.55 4.97 16.34
CA PRO A 58 23.24 5.16 15.70
C PRO A 58 23.25 6.23 14.59
N THR A 59 22.37 6.07 13.61
CA THR A 59 22.21 7.06 12.55
C THR A 59 21.12 8.05 12.97
N LEU A 60 20.97 9.12 12.19
CA LEU A 60 19.90 10.10 12.39
C LEU A 60 18.53 9.44 12.63
N GLU A 61 18.17 8.48 11.76
CA GLU A 61 16.88 7.80 11.87
C GLU A 61 16.71 7.05 13.19
N GLU A 62 17.77 6.40 13.64
CA GLU A 62 17.76 5.58 14.85
C GLU A 62 17.76 6.44 16.11
N ILE A 63 18.49 7.56 16.05
CA ILE A 63 18.48 8.58 17.11
C ILE A 63 17.06 9.12 17.35
N ILE A 64 16.36 9.50 16.28
CA ILE A 64 15.00 10.04 16.36
C ILE A 64 14.02 8.98 16.88
N LEU A 65 14.07 7.78 16.28
CA LEU A 65 13.15 6.70 16.60
C LEU A 65 13.33 6.10 17.99
N LEU A 66 14.57 5.95 18.41
CA LEU A 66 14.86 5.20 19.64
C LEU A 66 15.44 6.05 20.76
N GLY A 67 15.97 7.23 20.42
CA GLY A 67 16.70 8.07 21.38
C GLY A 67 15.99 9.33 21.85
N PHE A 68 15.17 9.93 20.98
CA PHE A 68 14.40 11.12 21.32
C PHE A 68 13.28 10.80 22.32
N GLU A 69 13.27 11.55 23.42
CA GLU A 69 12.14 11.52 24.35
C GLU A 69 10.92 12.16 23.68
N ARG A 70 9.79 11.46 23.71
CA ARG A 70 8.57 11.92 23.09
C ARG A 70 7.58 12.51 24.11
N LYS A 71 7.44 13.83 24.10
CA LYS A 71 6.41 14.51 24.90
C LYS A 71 5.17 14.79 24.06
N THR A 72 5.31 14.64 22.75
CA THR A 72 4.23 14.86 21.80
C THR A 72 4.21 13.70 20.80
N GLN A 73 3.22 13.71 19.90
CA GLN A 73 3.33 12.92 18.69
C GLN A 73 4.53 13.44 17.91
N ILE A 74 5.36 12.55 17.41
CA ILE A 74 6.51 12.96 16.59
C ILE A 74 6.22 12.80 15.09
N ILE A 75 7.00 13.50 14.27
CA ILE A 75 7.06 13.22 12.85
C ILE A 75 8.14 12.16 12.63
N TYR A 76 7.77 11.07 11.98
CA TYR A 76 8.67 9.94 11.75
C TYR A 76 9.57 10.17 10.53
N PRO A 77 10.83 9.68 10.57
CA PRO A 77 11.80 9.77 9.46
C PRO A 77 11.25 9.42 8.08
N LYS A 78 10.34 8.45 8.02
CA LYS A 78 9.63 8.10 6.79
C LYS A 78 9.02 9.34 6.12
N ASP A 79 8.44 10.22 6.93
CA ASP A 79 7.87 11.47 6.45
C ASP A 79 8.90 12.59 6.41
N SER A 80 9.61 12.79 7.52
CA SER A 80 10.56 13.90 7.66
C SER A 80 11.72 13.89 6.64
N PHE A 81 12.23 12.70 6.29
CA PHE A 81 13.33 12.62 5.31
C PHE A 81 12.86 13.12 3.95
N TYR A 82 11.64 12.75 3.55
CA TYR A 82 11.03 13.27 2.34
C TYR A 82 10.73 14.78 2.44
N ILE A 83 10.08 15.18 3.54
CA ILE A 83 9.68 16.57 3.76
C ILE A 83 10.84 17.57 3.57
N ALA A 84 11.96 17.31 4.23
CA ALA A 84 13.10 18.24 4.26
C ALA A 84 13.66 18.53 2.88
N LEU A 85 13.70 17.51 2.03
CA LEU A 85 14.21 17.66 0.67
C LEU A 85 13.13 18.09 -0.32
N LYS A 86 11.89 17.69 -0.06
CA LYS A 86 10.74 18.17 -0.84
C LYS A 86 10.60 19.69 -0.72
N LEU A 87 10.88 20.20 0.48
CA LEU A 87 10.89 21.66 0.74
C LEU A 87 12.10 22.36 0.12
N ASN A 88 12.93 21.60 -0.60
CA ASN A 88 14.06 22.15 -1.38
C ASN A 88 15.17 22.77 -0.51
N LEU A 89 15.31 22.25 0.71
CA LEU A 89 16.28 22.78 1.65
C LEU A 89 17.71 22.35 1.35
N ASN A 90 18.63 23.29 1.56
CA ASN A 90 20.07 23.02 1.62
C ASN A 90 20.71 24.07 2.53
N LYS A 91 22.03 24.13 2.54
CA LYS A 91 22.75 24.93 3.53
C LYS A 91 22.71 26.45 3.32
N GLU A 92 22.15 26.88 2.20
CA GLU A 92 21.93 28.29 1.97
C GLU A 92 20.46 28.68 2.18
N LYS A 93 19.68 27.77 2.78
CA LYS A 93 18.27 28.00 3.05
C LYS A 93 17.97 28.16 4.54
N ARG A 94 17.01 29.03 4.83
CA ARG A 94 16.48 29.31 6.16
C ARG A 94 15.03 28.82 6.20
N VAL A 95 14.69 28.00 7.20
CA VAL A 95 13.37 27.40 7.27
C VAL A 95 12.63 27.72 8.58
N LEU A 96 11.33 27.96 8.44
CA LEU A 96 10.43 28.18 9.55
C LEU A 96 9.71 26.87 9.95
N GLU A 97 9.62 26.60 11.26
CA GLU A 97 8.91 25.43 11.78
C GLU A 97 8.13 25.75 13.06
N PHE A 98 6.89 25.26 13.13
CA PHE A 98 6.09 25.25 14.36
C PHE A 98 4.95 24.22 14.25
N GLY A 99 4.60 23.53 15.33
CA GLY A 99 5.30 23.61 16.61
C GLY A 99 6.47 22.65 16.68
N THR A 100 7.47 23.00 17.49
CA THR A 100 8.68 22.19 17.63
C THR A 100 8.37 20.78 18.14
N GLY A 101 7.40 20.69 19.04
CA GLY A 101 7.04 19.42 19.68
C GLY A 101 8.24 18.85 20.38
N SER A 102 8.57 17.60 20.06
CA SER A 102 9.71 16.91 20.67
C SER A 102 10.99 17.09 19.85
N GLY A 103 10.89 17.82 18.74
CA GLY A 103 12.04 18.09 17.89
C GLY A 103 12.42 17.02 16.89
N ALA A 104 11.51 16.09 16.61
CA ALA A 104 11.81 14.99 15.68
C ALA A 104 11.96 15.41 14.21
N LEU A 105 11.04 16.24 13.72
CA LEU A 105 11.21 16.88 12.40
C LEU A 105 12.36 17.89 12.43
N LEU A 106 12.41 18.70 13.49
CA LEU A 106 13.48 19.68 13.67
C LEU A 106 14.87 19.09 13.41
N ALA A 107 15.14 17.92 13.99
CA ALA A 107 16.43 17.26 13.82
C ALA A 107 16.82 17.11 12.34
N VAL A 108 15.85 16.74 11.50
CA VAL A 108 16.08 16.60 10.06
C VAL A 108 16.24 17.95 9.38
N LEU A 109 15.31 18.88 9.65
CA LEU A 109 15.40 20.24 9.10
C LEU A 109 16.74 20.89 9.43
N SER A 110 17.21 20.66 10.65
CA SER A 110 18.49 21.16 11.12
C SER A 110 19.67 20.58 10.33
N GLU A 111 19.61 19.29 10.05
CA GLU A 111 20.68 18.62 9.30
C GLU A 111 20.78 19.09 7.85
N VAL A 112 19.65 19.39 7.22
CA VAL A 112 19.59 19.74 5.80
C VAL A 112 19.72 21.25 5.53
N ALA A 113 18.93 22.05 6.25
CA ALA A 113 18.90 23.51 6.04
C ALA A 113 20.08 24.24 6.68
N GLY A 114 20.33 25.46 6.24
CA GLY A 114 21.38 26.31 6.79
C GLY A 114 21.07 26.86 8.17
N GLU A 115 19.83 27.31 8.37
CA GLU A 115 19.33 27.66 9.71
C GLU A 115 17.82 27.45 9.84
N VAL A 116 17.39 27.19 11.08
CA VAL A 116 15.97 26.93 11.37
C VAL A 116 15.49 27.85 12.49
N TRP A 117 14.35 28.50 12.27
CA TRP A 117 13.65 29.18 13.34
C TRP A 117 12.48 28.30 13.74
N THR A 118 12.50 27.81 14.98
CA THR A 118 11.41 26.97 15.45
C THR A 118 10.64 27.60 16.63
N PHE A 119 9.32 27.36 16.67
CA PHE A 119 8.43 27.95 17.67
C PHE A 119 7.60 26.89 18.38
N GLU A 120 7.57 26.95 19.70
CA GLU A 120 6.80 26.03 20.53
C GLU A 120 6.19 26.76 21.72
N ALA A 121 4.87 26.70 21.83
CA ALA A 121 4.14 27.46 22.85
C ALA A 121 4.23 26.86 24.26
N VAL A 122 4.44 25.55 24.34
CA VAL A 122 4.52 24.84 25.61
C VAL A 122 5.98 24.67 26.03
N GLU A 123 6.33 25.29 27.16
CA GLU A 123 7.74 25.40 27.57
C GLU A 123 8.37 24.06 27.95
N GLU A 124 7.57 23.14 28.48
CA GLU A 124 8.02 21.78 28.74
C GLU A 124 8.45 21.06 27.44
N PHE A 125 7.74 21.33 26.35
CA PHE A 125 8.05 20.73 25.05
C PHE A 125 9.23 21.41 24.39
N TYR A 126 9.25 22.75 24.47
CA TYR A 126 10.37 23.59 24.06
C TYR A 126 11.69 23.15 24.71
N LYS A 127 11.63 22.81 26.01
CA LYS A 127 12.80 22.32 26.73
C LYS A 127 13.20 20.90 26.34
N THR A 128 12.22 20.03 26.13
CA THR A 128 12.46 18.63 25.74
C THR A 128 13.11 18.52 24.36
N ALA A 129 12.66 19.36 23.43
CA ALA A 129 13.21 19.40 22.08
C ALA A 129 14.68 19.80 22.07
N GLN A 130 15.02 20.80 22.88
CA GLN A 130 16.41 21.25 23.00
C GLN A 130 17.28 20.18 23.66
N LYS A 131 16.72 19.49 24.65
CA LYS A 131 17.41 18.40 25.32
C LYS A 131 17.68 17.23 24.36
N ASN A 132 16.66 16.82 23.60
CA ASN A 132 16.83 15.76 22.60
C ASN A 132 17.98 16.06 21.64
N LEU A 133 17.94 17.23 21.03
CA LEU A 133 18.91 17.60 19.99
C LEU A 133 20.34 17.74 20.52
N LYS A 134 20.50 18.46 21.63
CA LYS A 134 21.81 18.64 22.26
C LYS A 134 22.44 17.32 22.70
N LYS A 135 21.61 16.45 23.26
CA LYS A 135 22.00 15.11 23.69
C LYS A 135 22.72 14.33 22.59
N PHE A 136 22.34 14.57 21.34
CA PHE A 136 22.90 13.85 20.20
C PHE A 136 23.70 14.76 19.27
N ASN A 137 24.14 15.90 19.82
CA ASN A 137 25.03 16.84 19.13
C ASN A 137 24.40 17.42 17.85
N LEU A 138 23.10 17.69 17.93
CA LEU A 138 22.32 18.23 16.82
C LEU A 138 21.83 19.64 17.12
N GLY A 139 21.45 20.37 16.08
CA GLY A 139 20.73 21.63 16.24
C GLY A 139 21.55 22.88 16.54
N LYS A 140 22.78 22.92 16.06
CA LYS A 140 23.64 24.09 16.25
C LYS A 140 23.17 25.29 15.44
N ASN A 141 22.46 25.01 14.34
CA ASN A 141 21.93 26.05 13.45
C ASN A 141 20.48 26.45 13.76
N VAL A 142 20.00 26.09 14.94
CA VAL A 142 18.60 26.29 15.29
C VAL A 142 18.39 27.44 16.29
N LYS A 143 17.45 28.32 15.96
CA LYS A 143 16.90 29.31 16.88
C LYS A 143 15.58 28.81 17.48
N PHE A 144 15.64 28.41 18.75
CA PHE A 144 14.46 27.96 19.48
C PHE A 144 13.73 29.15 20.10
N PHE A 145 12.41 29.20 19.91
CA PHE A 145 11.58 30.22 20.54
C PHE A 145 10.46 29.56 21.32
N ASN A 146 10.29 29.98 22.58
CA ASN A 146 9.15 29.55 23.40
C ASN A 146 8.04 30.60 23.33
N VAL A 147 7.33 30.59 22.20
CA VAL A 147 6.27 31.57 21.92
C VAL A 147 5.23 30.91 21.03
N ASP A 148 3.98 31.34 21.16
CA ASP A 148 2.97 31.09 20.14
C ASP A 148 3.40 31.81 18.87
N PHE A 149 3.35 31.11 17.74
CA PHE A 149 3.74 31.67 16.45
C PHE A 149 2.94 32.92 16.05
N LYS A 150 1.66 32.98 16.43
CA LYS A 150 0.84 34.17 16.16
C LYS A 150 1.38 35.42 16.89
N ASP A 151 2.07 35.21 18.02
CA ASP A 151 2.59 36.31 18.83
C ASP A 151 4.08 36.60 18.58
N ALA A 152 4.75 35.69 17.88
CA ALA A 152 6.17 35.80 17.61
C ALA A 152 6.52 36.94 16.66
N GLU A 153 7.66 37.58 16.92
CA GLU A 153 8.17 38.64 16.08
C GLU A 153 8.97 38.01 14.95
N VAL A 154 8.32 37.85 13.79
CA VAL A 154 8.92 37.15 12.66
C VAL A 154 9.11 38.12 11.49
N PRO A 155 10.36 38.31 11.04
CA PRO A 155 10.60 39.19 9.90
C PRO A 155 9.96 38.65 8.64
N GLU A 156 9.34 39.55 7.88
CA GLU A 156 8.67 39.18 6.65
C GLU A 156 9.65 38.84 5.53
N GLY A 157 9.28 37.85 4.73
CA GLY A 157 10.01 37.48 3.52
C GLY A 157 11.46 37.01 3.65
N ILE A 158 11.82 36.44 4.80
CA ILE A 158 13.19 35.93 5.00
C ILE A 158 13.30 34.39 4.97
N PHE A 159 12.18 33.68 4.85
CA PHE A 159 12.21 32.21 4.88
C PHE A 159 12.08 31.58 3.51
N HIS A 160 13.00 30.65 3.23
CA HIS A 160 13.00 29.89 1.97
C HIS A 160 11.99 28.73 1.99
N ALA A 161 11.53 28.35 3.17
CA ALA A 161 10.51 27.32 3.33
C ALA A 161 9.89 27.39 4.71
N ALA A 162 8.71 26.79 4.85
CA ALA A 162 8.06 26.64 6.13
C ALA A 162 7.45 25.24 6.25
N PHE A 163 7.40 24.73 7.46
CA PHE A 163 6.63 23.55 7.74
C PHE A 163 5.77 23.74 8.98
N VAL A 164 4.49 23.36 8.86
CA VAL A 164 3.53 23.54 9.94
C VAL A 164 2.95 22.21 10.42
N ASP A 165 3.20 21.91 11.69
CA ASP A 165 2.62 20.75 12.36
C ASP A 165 1.87 21.22 13.62
N VAL A 166 0.60 21.57 13.42
CA VAL A 166 -0.32 21.92 14.50
C VAL A 166 -1.68 21.37 14.11
N ARG A 167 -2.59 21.31 15.07
CA ARG A 167 -3.93 20.76 14.85
C ARG A 167 -4.77 21.54 13.83
N GLU A 168 -4.68 22.87 13.87
CA GLU A 168 -5.52 23.73 13.02
C GLU A 168 -4.68 24.77 12.27
N PRO A 169 -3.94 24.34 11.22
CA PRO A 169 -2.95 25.22 10.60
C PRO A 169 -3.53 26.41 9.84
N TRP A 170 -4.79 26.31 9.44
CA TRP A 170 -5.45 27.33 8.63
C TRP A 170 -5.51 28.73 9.27
N HIS A 171 -5.45 28.80 10.60
CA HIS A 171 -5.44 30.09 11.32
C HIS A 171 -4.18 30.91 11.04
N TYR A 172 -3.10 30.24 10.68
CA TYR A 172 -1.77 30.86 10.61
C TYR A 172 -1.28 31.11 9.20
N LEU A 173 -2.14 30.86 8.22
CA LEU A 173 -1.80 30.95 6.79
C LEU A 173 -1.25 32.31 6.36
N GLU A 174 -1.93 33.39 6.75
CA GLU A 174 -1.50 34.74 6.39
C GLU A 174 -0.09 35.08 6.89
N LYS A 175 0.19 34.75 8.15
CA LYS A 175 1.50 35.04 8.74
C LYS A 175 2.63 34.17 8.17
N VAL A 176 2.36 32.88 7.96
CA VAL A 176 3.32 32.00 7.30
C VAL A 176 3.62 32.52 5.89
N HIS A 177 2.57 32.92 5.18
CA HIS A 177 2.65 33.50 3.83
C HIS A 177 3.58 34.72 3.78
N LYS A 178 3.38 35.66 4.71
CA LYS A 178 4.20 36.87 4.81
C LYS A 178 5.66 36.58 5.15
N SER A 179 5.89 35.57 5.96
CA SER A 179 7.24 35.22 6.42
C SER A 179 8.09 34.60 5.31
N LEU A 180 7.42 34.10 4.27
CA LEU A 180 8.07 33.37 3.20
C LEU A 180 8.49 34.28 2.04
N MET A 181 9.64 33.95 1.45
CA MET A 181 10.07 34.56 0.20
C MET A 181 9.12 34.15 -0.92
N GLU A 182 9.06 34.94 -1.99
CA GLU A 182 8.15 34.67 -3.10
C GLU A 182 8.32 33.27 -3.69
N GLY A 183 7.20 32.59 -3.92
CA GLY A 183 7.17 31.22 -4.47
C GLY A 183 7.77 30.14 -3.58
N ALA A 184 8.09 30.47 -2.32
CA ALA A 184 8.72 29.51 -1.42
C ALA A 184 7.77 28.35 -1.08
N PRO A 185 8.33 27.12 -0.99
CA PRO A 185 7.57 25.93 -0.60
C PRO A 185 7.07 25.99 0.84
N VAL A 186 5.91 25.40 1.07
CA VAL A 186 5.37 25.19 2.41
C VAL A 186 4.90 23.72 2.50
N GLY A 187 4.97 23.15 3.70
CA GLY A 187 4.40 21.83 3.93
C GLY A 187 3.56 21.82 5.20
N PHE A 188 2.61 20.90 5.25
CA PHE A 188 1.74 20.69 6.42
C PHE A 188 1.64 19.20 6.74
N LEU A 189 1.66 18.89 8.03
CA LEU A 189 1.39 17.54 8.51
C LEU A 189 0.03 17.49 9.21
N LEU A 190 -0.83 16.60 8.70
CA LEU A 190 -2.22 16.49 9.15
C LEU A 190 -2.62 15.02 9.25
N PRO A 191 -2.81 14.51 10.50
CA PRO A 191 -3.22 13.11 10.69
C PRO A 191 -4.56 12.69 10.09
N THR A 192 -5.55 13.58 10.03
CA THR A 192 -6.89 13.19 9.60
C THR A 192 -7.28 13.78 8.25
N ALA A 193 -8.16 13.07 7.53
CA ALA A 193 -8.75 13.58 6.27
C ALA A 193 -9.58 14.86 6.50
N ASN A 194 -10.31 14.93 7.61
CA ASN A 194 -11.08 16.14 7.96
C ASN A 194 -10.19 17.38 7.94
N GLN A 195 -9.05 17.29 8.58
CA GLN A 195 -8.08 18.39 8.62
C GLN A 195 -7.58 18.82 7.24
N VAL A 196 -7.29 17.84 6.38
CA VAL A 196 -6.80 18.12 5.03
C VAL A 196 -7.86 18.87 4.21
N ILE A 197 -9.10 18.37 4.26
CA ILE A 197 -10.26 19.00 3.61
C ILE A 197 -10.43 20.45 4.04
N LYS A 198 -10.25 20.70 5.33
CA LYS A 198 -10.40 22.04 5.89
C LYS A 198 -9.28 22.98 5.43
N LEU A 199 -8.04 22.50 5.49
CA LEU A 199 -6.90 23.26 4.98
C LEU A 199 -7.06 23.57 3.49
N LEU A 200 -7.49 22.58 2.71
CA LEU A 200 -7.62 22.74 1.26
C LEU A 200 -8.60 23.85 0.85
N GLU A 201 -9.70 23.99 1.57
CA GLU A 201 -10.68 25.05 1.25
C GLU A 201 -10.23 26.45 1.69
N SER A 202 -9.32 26.53 2.64
CA SER A 202 -8.84 27.81 3.17
C SER A 202 -7.51 28.29 2.56
N ILE A 203 -6.77 27.37 1.93
CA ILE A 203 -5.41 27.63 1.44
C ILE A 203 -5.41 28.30 0.05
N GLU A 204 -6.58 28.35 -0.56
CA GLU A 204 -6.76 28.76 -1.96
C GLU A 204 -6.03 30.03 -2.38
N ASN A 205 -6.12 31.08 -1.57
CA ASN A 205 -5.55 32.38 -1.92
C ASN A 205 -4.13 32.60 -1.43
N TYR A 206 -3.55 31.60 -0.78
CA TYR A 206 -2.21 31.73 -0.21
C TYR A 206 -1.18 30.88 -0.94
N PHE A 207 -1.49 29.59 -1.14
CA PHE A 207 -0.54 28.64 -1.69
C PHE A 207 -1.13 27.86 -2.85
N GLY A 208 -0.34 27.72 -3.91
CA GLY A 208 -0.73 26.98 -5.11
C GLY A 208 0.21 25.82 -5.34
N ASN A 209 0.21 25.28 -6.56
CA ASN A 209 0.96 24.06 -6.88
C ASN A 209 0.80 23.01 -5.78
N LEU A 210 -0.46 22.71 -5.48
CA LEU A 210 -0.80 21.92 -4.31
C LEU A 210 -0.57 20.44 -4.52
N GLU A 211 -0.04 19.78 -3.49
CA GLU A 211 0.18 18.33 -3.52
C GLU A 211 -0.21 17.71 -2.18
N VAL A 212 -0.91 16.59 -2.24
CA VAL A 212 -1.18 15.78 -1.03
C VAL A 212 -0.69 14.37 -1.29
N VAL A 213 0.13 13.86 -0.39
CA VAL A 213 0.72 12.54 -0.53
C VAL A 213 0.75 11.83 0.82
N GLU A 214 0.60 10.51 0.80
CA GLU A 214 0.86 9.68 1.95
C GLU A 214 1.99 8.72 1.61
N ILE A 215 2.85 8.47 2.59
CA ILE A 215 4.03 7.64 2.38
C ILE A 215 3.87 6.37 3.19
N LEU A 216 3.97 5.23 2.49
CA LEU A 216 3.95 3.92 3.13
C LEU A 216 5.30 3.25 2.99
N HIS A 217 5.83 2.74 4.11
CA HIS A 217 7.02 1.89 4.08
C HIS A 217 6.64 0.48 4.48
N ARG A 218 6.96 -0.49 3.62
CA ARG A 218 6.85 -1.87 4.01
C ARG A 218 8.24 -2.47 4.11
N HIS A 219 8.53 -3.06 5.27
CA HIS A 219 9.80 -3.73 5.52
C HIS A 219 9.73 -5.23 5.23
N TYR A 220 10.90 -5.81 4.97
CA TYR A 220 11.01 -7.22 4.58
C TYR A 220 11.86 -8.02 5.56
N LYS A 221 11.64 -9.33 5.61
CA LYS A 221 12.53 -10.23 6.32
C LYS A 221 13.87 -10.26 5.57
N THR A 222 14.97 -10.20 6.31
CA THR A 222 16.29 -10.17 5.68
C THR A 222 16.99 -11.53 5.76
N ILE A 223 16.18 -12.58 5.70
CA ILE A 223 16.62 -13.97 5.64
C ILE A 223 16.55 -14.43 4.18
N SER A 224 17.70 -14.76 3.61
CA SER A 224 17.82 -15.02 2.18
C SER A 224 16.84 -16.06 1.63
N GLU A 225 16.69 -17.17 2.35
CA GLU A 225 15.93 -18.36 1.91
C GLU A 225 14.42 -18.24 2.15
N ARG A 226 14.03 -17.22 2.92
CA ARG A 226 12.63 -16.98 3.27
C ARG A 226 12.31 -15.49 3.12
N PHE A 227 12.58 -14.96 1.94
CA PHE A 227 12.42 -13.53 1.67
C PHE A 227 10.95 -13.19 1.44
N ARG A 228 10.44 -12.26 2.25
CA ARG A 228 9.04 -11.85 2.22
C ARG A 228 8.83 -10.60 3.08
N PRO A 229 7.73 -9.86 2.83
CA PRO A 229 7.46 -8.71 3.70
C PRO A 229 7.18 -9.15 5.14
N GLU A 230 7.42 -8.24 6.07
CA GLU A 230 7.07 -8.44 7.47
C GLU A 230 5.55 -8.63 7.62
N ASP A 231 5.12 -9.17 8.76
CA ASP A 231 3.71 -9.45 9.02
C ASP A 231 2.89 -8.17 9.14
N GLN A 232 3.48 -7.16 9.77
CA GLN A 232 2.84 -5.91 10.12
C GLN A 232 3.65 -4.72 9.60
N MET A 233 2.97 -3.60 9.42
CA MET A 233 3.60 -2.34 9.05
C MET A 233 2.83 -1.18 9.67
N VAL A 234 3.48 -0.02 9.74
CA VAL A 234 2.78 1.23 10.02
C VAL A 234 1.85 1.52 8.83
N ALA A 235 0.56 1.65 9.13
CA ALA A 235 -0.44 1.87 8.09
C ALA A 235 -0.54 3.35 7.72
N HIS A 236 -0.39 4.22 8.72
CA HIS A 236 -0.61 5.64 8.55
C HIS A 236 0.11 6.43 9.62
N THR A 237 0.76 7.52 9.21
CA THR A 237 1.25 8.53 10.15
C THR A 237 0.42 9.81 9.96
N ALA A 238 0.40 10.30 8.72
CA ALA A 238 -0.29 11.54 8.40
C ALA A 238 -0.28 11.79 6.90
N TYR A 239 -1.25 12.58 6.46
CA TYR A 239 -1.26 13.12 5.11
C TYR A 239 -0.30 14.31 5.07
N LEU A 240 0.45 14.42 3.97
CA LEU A 240 1.38 15.53 3.80
C LEU A 240 0.85 16.44 2.71
N VAL A 241 0.78 17.73 3.04
CA VAL A 241 0.26 18.74 2.12
C VAL A 241 1.38 19.71 1.78
N PHE A 242 1.66 19.84 0.49
CA PHE A 242 2.68 20.75 0.02
C PHE A 242 2.08 21.77 -0.92
N GLY A 243 2.60 22.99 -0.86
CA GLY A 243 2.21 24.05 -1.79
C GLY A 243 3.38 24.97 -2.03
N ARG A 244 3.13 26.02 -2.81
CA ARG A 244 4.11 27.05 -3.09
C ARG A 244 3.44 28.41 -2.93
N LYS A 245 4.16 29.37 -2.36
CA LYS A 245 3.61 30.72 -2.15
C LYS A 245 3.08 31.36 -3.44
N LEU A 246 1.82 31.77 -3.39
CA LEU A 246 1.20 32.56 -4.46
C LEU A 246 1.44 34.03 -4.20
N LYS A 247 1.69 34.80 -5.26
CA LYS A 247 1.90 36.23 -5.14
C LYS A 247 0.55 36.92 -4.94
N THR A 248 0.43 37.70 -3.86
CA THR A 248 -0.82 38.39 -3.57
C THR A 248 -0.69 39.91 -3.73
N ASN B 2 13.52 38.47 -6.70
CA ASN B 2 14.04 38.38 -8.09
C ASN B 2 13.03 37.77 -9.07
N SER B 3 12.61 38.58 -10.04
CA SER B 3 11.59 38.20 -11.01
C SER B 3 12.15 37.23 -12.05
N PHE B 4 11.26 36.60 -12.82
CA PHE B 4 11.66 35.64 -13.84
C PHE B 4 12.50 36.30 -14.95
N LYS B 5 13.63 35.68 -15.25
CA LYS B 5 14.51 36.08 -16.35
C LYS B 5 14.36 35.14 -17.55
N GLU B 6 14.61 35.65 -18.76
CA GLU B 6 14.58 34.79 -19.95
C GLU B 6 15.69 33.73 -19.88
N GLY B 7 15.40 32.56 -20.42
CA GLY B 7 16.35 31.46 -20.42
C GLY B 7 16.29 30.60 -19.17
N GLU B 8 15.51 31.03 -18.17
CA GLU B 8 15.29 30.25 -16.95
C GLU B 8 14.30 29.11 -17.18
N TYR B 9 14.59 27.96 -16.57
CA TYR B 9 13.64 26.87 -16.52
C TYR B 9 12.65 27.12 -15.39
N VAL B 10 11.37 27.19 -15.73
CA VAL B 10 10.32 27.47 -14.75
C VAL B 10 9.38 26.28 -14.61
N LEU B 11 8.83 26.12 -13.40
CA LEU B 11 7.74 25.17 -13.16
C LEU B 11 6.41 25.87 -13.37
N ILE B 12 5.63 25.33 -14.31
CA ILE B 12 4.30 25.85 -14.61
C ILE B 12 3.26 24.83 -14.12
N ARG B 13 2.31 25.31 -13.32
CA ARG B 13 1.18 24.48 -12.88
C ARG B 13 -0.10 24.90 -13.58
N PHE B 14 -0.73 23.95 -14.27
CA PHE B 14 -2.02 24.18 -14.91
C PHE B 14 -2.93 22.98 -14.68
N GLY B 15 -4.04 23.20 -13.98
CA GLY B 15 -4.89 22.10 -13.53
C GLY B 15 -4.13 21.16 -12.61
N GLU B 16 -4.21 19.87 -12.92
CA GLU B 16 -3.51 18.83 -12.16
C GLU B 16 -2.06 18.62 -12.59
N LYS B 17 -1.67 19.20 -13.73
CA LYS B 17 -0.39 18.89 -14.37
C LYS B 17 0.71 19.93 -14.13
N LYS B 18 1.93 19.44 -13.92
CA LYS B 18 3.15 20.26 -13.88
C LYS B 18 3.86 20.22 -15.24
N PHE B 19 4.45 21.36 -15.61
CA PHE B 19 5.23 21.51 -16.84
C PHE B 19 6.54 22.21 -16.48
N LEU B 20 7.64 21.74 -17.05
CA LEU B 20 8.91 22.47 -16.93
C LEU B 20 9.30 23.02 -18.30
N ARG B 21 9.44 24.34 -18.40
CA ARG B 21 9.75 25.00 -19.67
C ARG B 21 10.81 26.08 -19.52
N LYS B 22 11.65 26.21 -20.54
CA LYS B 22 12.63 27.32 -20.61
C LYS B 22 11.90 28.59 -21.01
N LEU B 23 12.10 29.67 -20.25
CA LEU B 23 11.44 30.95 -20.57
C LEU B 23 12.06 31.65 -21.78
N LEU B 24 11.52 31.35 -22.96
CA LEU B 24 12.00 31.90 -24.21
C LEU B 24 11.06 33.03 -24.60
N PRO B 25 11.59 34.24 -24.86
CA PRO B 25 10.74 35.32 -25.37
C PRO B 25 10.05 34.95 -26.67
N LYS B 26 8.82 35.43 -26.83
CA LYS B 26 7.98 35.18 -28.02
C LYS B 26 7.34 33.78 -28.06
N GLN B 27 7.80 32.90 -27.17
CA GLN B 27 7.34 31.51 -27.11
C GLN B 27 6.23 31.35 -26.06
N SER B 28 5.48 30.26 -26.16
CA SER B 28 4.34 30.02 -25.28
C SER B 28 4.25 28.55 -24.86
N LEU B 29 3.34 28.27 -23.93
CA LEU B 29 2.92 26.92 -23.63
C LEU B 29 1.41 26.84 -23.86
N SER B 30 0.99 25.87 -24.66
CA SER B 30 -0.42 25.60 -24.87
C SER B 30 -0.83 24.29 -24.20
N VAL B 31 -1.88 24.36 -23.38
CA VAL B 31 -2.51 23.15 -22.85
C VAL B 31 -3.90 23.11 -23.46
N LYS B 32 -4.06 22.22 -24.45
CA LYS B 32 -5.18 22.24 -25.40
C LYS B 32 -5.34 23.63 -26.02
N LYS B 33 -6.41 24.34 -25.67
CA LYS B 33 -6.71 25.66 -26.23
C LYS B 33 -6.16 26.82 -25.39
N SER B 34 -5.90 26.56 -24.12
CA SER B 34 -5.36 27.57 -23.20
C SER B 34 -3.89 27.84 -23.47
N VAL B 35 -3.53 29.12 -23.49
CA VAL B 35 -2.17 29.56 -23.80
C VAL B 35 -1.56 30.36 -22.67
N LEU B 36 -0.28 30.09 -22.39
CA LEU B 36 0.53 30.93 -21.53
C LEU B 36 1.67 31.51 -22.35
N LYS B 37 1.69 32.83 -22.49
CA LYS B 37 2.75 33.54 -23.22
C LYS B 37 3.89 33.87 -22.27
N PHE B 38 5.11 33.46 -22.64
CA PHE B 38 6.29 33.64 -21.79
C PHE B 38 6.70 35.12 -21.61
N ASP B 39 6.37 35.94 -22.60
CA ASP B 39 6.56 37.39 -22.51
C ASP B 39 5.79 38.01 -21.33
N GLU B 40 4.70 37.37 -20.94
CA GLU B 40 3.91 37.79 -19.77
C GLU B 40 4.47 37.26 -18.45
N VAL B 41 5.37 36.29 -18.51
CA VAL B 41 5.96 35.69 -17.31
C VAL B 41 7.29 36.34 -16.97
N ILE B 42 8.10 36.59 -18.00
CA ILE B 42 9.37 37.27 -17.85
C ILE B 42 9.15 38.64 -17.20
N GLY B 43 9.90 38.90 -16.13
CA GLY B 43 9.78 40.15 -15.38
C GLY B 43 8.77 40.09 -14.23
N LYS B 44 8.16 38.93 -14.02
CA LYS B 44 7.20 38.78 -12.94
C LYS B 44 7.73 37.92 -11.80
N PRO B 45 7.16 38.05 -10.58
CA PRO B 45 7.68 37.27 -9.46
C PRO B 45 7.20 35.82 -9.48
N GLU B 46 7.88 34.94 -8.74
CA GLU B 46 7.41 33.57 -8.54
C GLU B 46 6.05 33.59 -7.83
N GLY B 47 5.20 32.64 -8.19
CA GLY B 47 3.87 32.56 -7.60
C GLY B 47 2.83 33.42 -8.29
N VAL B 48 3.21 33.97 -9.45
CA VAL B 48 2.29 34.69 -10.33
C VAL B 48 1.30 33.72 -10.99
N LYS B 49 0.06 34.16 -11.17
CA LYS B 49 -0.95 33.40 -11.89
C LYS B 49 -1.49 34.18 -13.09
N ILE B 50 -1.35 33.60 -14.27
CA ILE B 50 -1.75 34.22 -15.53
C ILE B 50 -2.65 33.26 -16.29
N ASN B 51 -3.91 33.67 -16.49
CA ASN B 51 -4.86 32.90 -17.29
C ASN B 51 -4.99 31.42 -16.86
N GLY B 52 -4.93 31.19 -15.55
CA GLY B 52 -5.02 29.84 -14.98
C GLY B 52 -3.70 29.15 -14.69
N PHE B 53 -2.62 29.65 -15.28
CA PHE B 53 -1.29 29.07 -15.11
C PHE B 53 -0.55 29.71 -13.95
N GLU B 54 -0.08 28.88 -13.01
CA GLU B 54 0.78 29.34 -11.92
C GLU B 54 2.22 29.03 -12.29
N VAL B 55 3.11 29.99 -12.06
CA VAL B 55 4.50 29.84 -12.44
C VAL B 55 5.43 30.03 -11.26
N TYR B 56 6.39 29.12 -11.11
CA TYR B 56 7.37 29.11 -10.02
C TYR B 56 8.72 28.70 -10.59
N ARG B 57 9.75 28.79 -9.75
CA ARG B 57 11.01 28.11 -10.04
C ARG B 57 10.98 26.68 -9.45
N PRO B 58 11.54 25.70 -10.17
CA PRO B 58 11.41 24.31 -9.76
C PRO B 58 12.27 23.94 -8.56
N THR B 59 11.76 23.02 -7.75
CA THR B 59 12.51 22.46 -6.63
C THR B 59 13.38 21.30 -7.13
N LEU B 60 14.24 20.78 -6.26
CA LEU B 60 15.07 19.62 -6.57
C LEU B 60 14.25 18.47 -7.16
N GLU B 61 13.14 18.13 -6.51
CA GLU B 61 12.26 17.07 -6.97
C GLU B 61 11.78 17.26 -8.42
N GLU B 62 11.31 18.47 -8.72
CA GLU B 62 10.79 18.82 -10.04
C GLU B 62 11.91 18.85 -11.12
N ILE B 63 13.09 19.29 -10.70
CA ILE B 63 14.27 19.27 -11.56
C ILE B 63 14.63 17.84 -11.98
N ILE B 64 14.71 16.94 -11.00
CA ILE B 64 15.00 15.54 -11.26
C ILE B 64 13.93 14.91 -12.15
N LEU B 65 12.67 15.03 -11.74
CA LEU B 65 11.55 14.40 -12.44
C LEU B 65 11.27 14.93 -13.84
N LEU B 66 11.40 16.24 -14.04
CA LEU B 66 10.99 16.87 -15.30
C LEU B 66 12.15 17.47 -16.11
N GLY B 67 13.30 17.64 -15.47
CA GLY B 67 14.43 18.34 -16.08
C GLY B 67 15.61 17.49 -16.49
N PHE B 68 15.92 16.46 -15.70
CA PHE B 68 17.05 15.58 -15.99
C PHE B 68 16.78 14.71 -17.23
N GLU B 69 17.75 14.67 -18.14
CA GLU B 69 17.73 13.72 -19.26
C GLU B 69 17.99 12.30 -18.73
N ARG B 70 17.10 11.38 -19.09
CA ARG B 70 17.18 10.00 -18.64
C ARG B 70 17.75 9.11 -19.74
N LYS B 71 18.95 8.58 -19.50
CA LYS B 71 19.60 7.66 -20.44
C LYS B 71 19.72 6.30 -19.78
N THR B 72 19.34 6.24 -18.51
CA THR B 72 19.28 5.01 -17.73
C THR B 72 17.96 5.00 -16.96
N GLN B 73 17.70 3.91 -16.25
CA GLN B 73 16.68 3.94 -15.20
C GLN B 73 17.18 4.87 -14.10
N ILE B 74 16.34 5.81 -13.69
CA ILE B 74 16.73 6.71 -12.62
C ILE B 74 16.23 6.24 -11.26
N ILE B 75 16.89 6.73 -10.22
CA ILE B 75 16.36 6.62 -8.87
C ILE B 75 15.49 7.87 -8.65
N TYR B 76 14.22 7.62 -8.32
CA TYR B 76 13.24 8.68 -8.11
C TYR B 76 13.34 9.29 -6.71
N PRO B 77 13.00 10.58 -6.58
CA PRO B 77 13.01 11.31 -5.29
C PRO B 77 12.31 10.61 -4.14
N LYS B 78 11.21 9.90 -4.43
CA LYS B 78 10.56 9.04 -3.43
C LYS B 78 11.58 8.16 -2.69
N ASP B 79 12.49 7.53 -3.44
CA ASP B 79 13.52 6.69 -2.85
C ASP B 79 14.77 7.49 -2.45
N SER B 80 15.25 8.37 -3.33
CA SER B 80 16.52 9.09 -3.08
C SER B 80 16.49 10.06 -1.90
N PHE B 81 15.34 10.69 -1.67
CA PHE B 81 15.18 11.59 -0.52
C PHE B 81 15.31 10.82 0.79
N TYR B 82 14.67 9.65 0.87
CA TYR B 82 14.88 8.76 2.01
C TYR B 82 16.32 8.22 2.09
N ILE B 83 16.84 7.71 0.97
CA ILE B 83 18.21 7.17 0.89
C ILE B 83 19.29 8.10 1.45
N ALA B 84 19.31 9.35 0.99
CA ALA B 84 20.36 10.29 1.38
C ALA B 84 20.46 10.49 2.89
N LEU B 85 19.31 10.59 3.56
CA LEU B 85 19.30 10.83 4.99
C LEU B 85 19.38 9.53 5.79
N LYS B 86 18.87 8.45 5.20
CA LYS B 86 19.02 7.11 5.77
C LYS B 86 20.50 6.72 5.90
N LEU B 87 21.28 7.08 4.88
CA LEU B 87 22.73 6.88 4.91
C LEU B 87 23.45 7.81 5.89
N ASN B 88 22.68 8.62 6.62
CA ASN B 88 23.20 9.45 7.72
C ASN B 88 24.16 10.54 7.23
N LEU B 89 23.89 11.04 6.03
CA LEU B 89 24.75 12.02 5.39
C LEU B 89 24.50 13.45 5.86
N ASN B 90 25.58 14.22 5.91
CA ASN B 90 25.56 15.66 6.15
C ASN B 90 26.82 16.28 5.53
N LYS B 91 27.08 17.55 5.79
CA LYS B 91 28.18 18.26 5.15
C LYS B 91 29.58 17.87 5.64
N GLU B 92 29.63 17.02 6.66
CA GLU B 92 30.90 16.49 7.15
C GLU B 92 31.17 15.08 6.61
N LYS B 93 30.29 14.61 5.72
CA LYS B 93 30.36 13.24 5.19
C LYS B 93 30.79 13.18 3.73
N ARG B 94 31.58 12.16 3.42
CA ARG B 94 31.95 11.81 2.06
C ARG B 94 31.26 10.50 1.70
N VAL B 95 30.57 10.49 0.57
CA VAL B 95 29.81 9.29 0.15
C VAL B 95 30.34 8.74 -1.18
N LEU B 96 30.43 7.43 -1.26
CA LEU B 96 30.77 6.70 -2.47
C LEU B 96 29.48 6.29 -3.23
N GLU B 97 29.48 6.46 -4.55
CA GLU B 97 28.36 6.05 -5.39
C GLU B 97 28.78 5.43 -6.72
N PHE B 98 28.11 4.34 -7.09
CA PHE B 98 28.20 3.79 -8.44
C PHE B 98 27.03 2.83 -8.68
N GLY B 99 26.53 2.74 -9.91
CA GLY B 99 26.91 3.60 -11.03
C GLY B 99 26.15 4.91 -11.02
N THR B 100 26.81 5.96 -11.51
CA THR B 100 26.24 7.31 -11.59
C THR B 100 24.96 7.34 -12.41
N GLY B 101 24.93 6.60 -13.50
CA GLY B 101 23.79 6.62 -14.43
C GLY B 101 23.53 8.02 -14.94
N SER B 102 22.28 8.46 -14.82
CA SER B 102 21.86 9.79 -15.28
C SER B 102 22.05 10.89 -14.23
N GLY B 103 22.45 10.48 -13.02
CA GLY B 103 22.76 11.41 -11.94
C GLY B 103 21.58 11.85 -11.07
N ALA B 104 20.47 11.11 -11.13
CA ALA B 104 19.27 11.47 -10.35
C ALA B 104 19.46 11.30 -8.85
N LEU B 105 20.02 10.17 -8.43
CA LEU B 105 20.40 9.99 -7.02
C LEU B 105 21.53 10.94 -6.64
N LEU B 106 22.50 11.08 -7.54
CA LEU B 106 23.67 11.93 -7.33
C LEU B 106 23.29 13.36 -6.92
N ALA B 107 22.31 13.95 -7.60
CA ALA B 107 21.83 15.30 -7.26
C ALA B 107 21.46 15.44 -5.78
N VAL B 108 20.89 14.38 -5.22
CA VAL B 108 20.42 14.38 -3.83
C VAL B 108 21.58 14.15 -2.87
N LEU B 109 22.47 13.22 -3.22
CA LEU B 109 23.67 12.96 -2.42
C LEU B 109 24.55 14.19 -2.36
N SER B 110 24.63 14.89 -3.49
CA SER B 110 25.40 16.10 -3.63
C SER B 110 24.83 17.25 -2.80
N GLU B 111 23.50 17.32 -2.70
CA GLU B 111 22.84 18.34 -1.89
C GLU B 111 23.02 18.10 -0.39
N VAL B 112 23.06 16.83 0.00
CA VAL B 112 23.13 16.44 1.42
C VAL B 112 24.57 16.24 1.93
N ALA B 113 25.38 15.49 1.20
CA ALA B 113 26.76 15.18 1.62
C ALA B 113 27.72 16.34 1.42
N GLY B 114 28.88 16.27 2.08
CA GLY B 114 29.93 17.27 1.91
C GLY B 114 30.76 16.99 0.66
N GLU B 115 30.86 15.72 0.30
CA GLU B 115 31.67 15.28 -0.83
C GLU B 115 31.14 13.96 -1.41
N VAL B 116 31.08 13.89 -2.74
CA VAL B 116 30.70 12.66 -3.43
C VAL B 116 31.76 12.22 -4.44
N TRP B 117 32.14 10.95 -4.35
CA TRP B 117 32.93 10.29 -5.40
C TRP B 117 31.98 9.35 -6.10
N THR B 118 31.73 9.61 -7.38
CA THR B 118 30.85 8.77 -8.16
C THR B 118 31.55 8.12 -9.35
N PHE B 119 31.15 6.89 -9.65
CA PHE B 119 31.81 6.10 -10.69
C PHE B 119 30.80 5.63 -11.72
N GLU B 120 31.14 5.81 -12.99
CA GLU B 120 30.31 5.36 -14.10
C GLU B 120 31.17 4.81 -15.22
N ALA B 121 30.98 3.52 -15.54
CA ALA B 121 31.77 2.84 -16.56
C ALA B 121 31.48 3.33 -17.98
N VAL B 122 30.23 3.69 -18.27
CA VAL B 122 29.82 4.11 -19.61
C VAL B 122 30.04 5.61 -19.77
N GLU B 123 30.91 5.96 -20.71
CA GLU B 123 31.31 7.36 -20.98
C GLU B 123 30.14 8.30 -21.28
N GLU B 124 29.19 7.82 -22.09
CA GLU B 124 27.97 8.58 -22.41
C GLU B 124 27.17 8.99 -21.17
N PHE B 125 27.00 8.04 -20.25
CA PHE B 125 26.20 8.27 -19.04
C PHE B 125 26.96 9.18 -18.08
N TYR B 126 28.27 8.96 -17.99
CA TYR B 126 29.20 9.82 -17.27
C TYR B 126 29.05 11.29 -17.69
N LYS B 127 28.94 11.53 -19.00
CA LYS B 127 28.74 12.89 -19.54
C LYS B 127 27.33 13.43 -19.29
N THR B 128 26.32 12.57 -19.49
CA THR B 128 24.91 12.89 -19.22
C THR B 128 24.69 13.36 -17.77
N ALA B 129 25.25 12.62 -16.82
CA ALA B 129 25.13 12.95 -15.40
C ALA B 129 25.74 14.32 -15.09
N GLN B 130 26.92 14.58 -15.63
CA GLN B 130 27.56 15.89 -15.51
C GLN B 130 26.72 17.01 -16.12
N LYS B 131 26.23 16.79 -17.34
CA LYS B 131 25.35 17.77 -18.03
C LYS B 131 24.05 18.05 -17.28
N ASN B 132 23.46 17.00 -16.69
CA ASN B 132 22.24 17.15 -15.89
C ASN B 132 22.42 18.08 -14.69
N LEU B 133 23.41 17.77 -13.86
CA LEU B 133 23.66 18.56 -12.65
C LEU B 133 24.17 19.97 -12.96
N LYS B 134 25.09 20.09 -13.92
CA LYS B 134 25.64 21.39 -14.35
C LYS B 134 24.54 22.37 -14.79
N LYS B 135 23.61 21.86 -15.59
CA LYS B 135 22.48 22.61 -16.13
C LYS B 135 21.60 23.24 -15.05
N PHE B 136 21.54 22.59 -13.88
CA PHE B 136 20.72 23.12 -12.79
C PHE B 136 21.54 23.57 -11.58
N ASN B 137 22.81 23.90 -11.83
CA ASN B 137 23.72 24.46 -10.81
C ASN B 137 23.93 23.53 -9.60
N LEU B 138 24.08 22.25 -9.88
CA LEU B 138 24.30 21.24 -8.84
C LEU B 138 25.66 20.55 -9.02
N GLY B 139 26.08 19.83 -7.97
CA GLY B 139 27.23 18.91 -8.07
C GLY B 139 28.62 19.51 -7.98
N LYS B 140 28.74 20.68 -7.33
CA LYS B 140 30.04 21.32 -7.15
C LYS B 140 30.94 20.60 -6.14
N ASN B 141 30.35 19.71 -5.36
CA ASN B 141 31.08 18.90 -4.39
C ASN B 141 31.29 17.44 -4.87
N VAL B 142 31.12 17.22 -6.17
CA VAL B 142 31.16 15.88 -6.74
C VAL B 142 32.42 15.64 -7.57
N LYS B 143 33.12 14.54 -7.25
CA LYS B 143 34.18 14.01 -8.09
C LYS B 143 33.59 12.90 -8.97
N PHE B 144 33.54 13.16 -10.28
CA PHE B 144 33.06 12.22 -11.28
C PHE B 144 34.22 11.38 -11.82
N PHE B 145 34.05 10.07 -11.86
CA PHE B 145 35.04 9.19 -12.48
C PHE B 145 34.39 8.31 -13.57
N ASN B 146 35.03 8.26 -14.73
CA ASN B 146 34.60 7.40 -15.84
C ASN B 146 35.43 6.12 -15.86
N VAL B 147 35.07 5.19 -14.98
CA VAL B 147 35.82 3.96 -14.79
C VAL B 147 34.93 2.93 -14.10
N ASP B 148 35.18 1.65 -14.38
CA ASP B 148 34.59 0.57 -13.63
C ASP B 148 35.14 0.64 -12.20
N PHE B 149 34.24 0.57 -11.21
CA PHE B 149 34.61 0.65 -9.81
C PHE B 149 35.64 -0.41 -9.40
N LYS B 150 35.53 -1.61 -9.97
CA LYS B 150 36.51 -2.68 -9.74
C LYS B 150 37.93 -2.23 -10.12
N ASP B 151 38.03 -1.43 -11.19
CA ASP B 151 39.33 -0.99 -11.72
C ASP B 151 39.88 0.30 -11.12
N ALA B 152 39.01 1.10 -10.52
CA ALA B 152 39.39 2.40 -9.93
C ALA B 152 40.33 2.26 -8.72
N GLU B 153 41.22 3.23 -8.56
CA GLU B 153 42.03 3.33 -7.35
C GLU B 153 41.27 4.18 -6.34
N VAL B 154 40.78 3.54 -5.30
CA VAL B 154 40.02 4.22 -4.26
C VAL B 154 40.64 4.00 -2.89
N PRO B 155 40.99 5.10 -2.19
CA PRO B 155 41.57 5.04 -0.85
C PRO B 155 40.73 4.21 0.10
N GLU B 156 41.37 3.35 0.87
CA GLU B 156 40.71 2.53 1.87
C GLU B 156 40.20 3.35 3.04
N GLY B 157 38.99 3.03 3.51
CA GLY B 157 38.42 3.59 4.73
C GLY B 157 38.20 5.10 4.78
N ILE B 158 37.92 5.72 3.63
CA ILE B 158 37.70 7.17 3.59
C ILE B 158 36.23 7.60 3.40
N PHE B 159 35.32 6.64 3.24
CA PHE B 159 33.91 6.97 3.00
C PHE B 159 33.02 6.77 4.21
N HIS B 160 32.23 7.79 4.52
CA HIS B 160 31.27 7.72 5.62
C HIS B 160 30.04 6.89 5.24
N ALA B 161 29.82 6.72 3.94
CA ALA B 161 28.70 5.93 3.42
C ALA B 161 28.97 5.50 1.98
N ALA B 162 28.17 4.55 1.51
CA ALA B 162 28.17 4.14 0.10
C ALA B 162 26.75 3.84 -0.35
N PHE B 163 26.46 4.16 -1.62
CA PHE B 163 25.28 3.63 -2.27
C PHE B 163 25.61 2.92 -3.57
N VAL B 164 25.09 1.71 -3.73
CA VAL B 164 25.36 0.89 -4.92
C VAL B 164 24.10 0.64 -5.77
N ASP B 165 24.12 1.14 -7.00
CA ASP B 165 23.07 0.90 -7.99
C ASP B 165 23.64 0.21 -9.23
N VAL B 166 23.82 -1.11 -9.15
CA VAL B 166 24.21 -1.93 -10.30
C VAL B 166 23.36 -3.20 -10.34
N ARG B 167 23.46 -3.96 -11.43
CA ARG B 167 22.65 -5.17 -11.59
C ARG B 167 23.04 -6.28 -10.63
N GLU B 168 24.34 -6.42 -10.39
CA GLU B 168 24.87 -7.49 -9.54
C GLU B 168 25.86 -6.94 -8.50
N PRO B 169 25.34 -6.24 -7.46
CA PRO B 169 26.21 -5.54 -6.50
C PRO B 169 27.08 -6.46 -5.66
N TRP B 170 26.64 -7.71 -5.49
CA TRP B 170 27.38 -8.69 -4.69
C TRP B 170 28.85 -8.88 -5.09
N HIS B 171 29.18 -8.57 -6.35
CA HIS B 171 30.55 -8.71 -6.85
C HIS B 171 31.49 -7.69 -6.22
N TYR B 172 30.94 -6.56 -5.81
CA TYR B 172 31.73 -5.41 -5.35
C TYR B 172 31.78 -5.27 -3.83
N LEU B 173 31.17 -6.22 -3.12
CA LEU B 173 31.05 -6.15 -1.66
C LEU B 173 32.39 -6.00 -0.91
N GLU B 174 33.39 -6.80 -1.28
CA GLU B 174 34.71 -6.74 -0.65
C GLU B 174 35.39 -5.38 -0.81
N LYS B 175 35.33 -4.82 -2.02
CA LYS B 175 35.92 -3.52 -2.28
C LYS B 175 35.14 -2.38 -1.63
N VAL B 176 33.82 -2.41 -1.73
CA VAL B 176 32.98 -1.41 -1.09
C VAL B 176 33.26 -1.41 0.40
N HIS B 177 33.26 -2.61 0.99
CA HIS B 177 33.58 -2.83 2.40
C HIS B 177 34.91 -2.17 2.79
N LYS B 178 35.97 -2.42 2.00
CA LYS B 178 37.31 -1.85 2.23
C LYS B 178 37.37 -0.31 2.12
N SER B 179 36.57 0.26 1.23
CA SER B 179 36.52 1.71 1.01
C SER B 179 35.80 2.46 2.14
N LEU B 180 35.02 1.72 2.92
CA LEU B 180 34.21 2.30 4.00
C LEU B 180 34.93 2.38 5.34
N MET B 181 34.63 3.44 6.09
CA MET B 181 34.99 3.58 7.50
C MET B 181 34.26 2.55 8.37
N GLU B 182 34.87 2.19 9.50
CA GLU B 182 34.25 1.26 10.43
C GLU B 182 32.81 1.67 10.78
N GLY B 183 31.91 0.69 10.71
CA GLY B 183 30.50 0.89 11.04
C GLY B 183 29.64 1.67 10.05
N ALA B 184 30.24 2.12 8.95
CA ALA B 184 29.57 2.98 7.98
C ALA B 184 28.35 2.33 7.30
N PRO B 185 27.29 3.13 7.05
CA PRO B 185 26.09 2.70 6.34
C PRO B 185 26.35 2.41 4.87
N VAL B 186 25.63 1.40 4.35
CA VAL B 186 25.66 1.11 2.92
C VAL B 186 24.21 0.92 2.45
N GLY B 187 23.94 1.36 1.23
CA GLY B 187 22.64 1.11 0.62
C GLY B 187 22.76 0.49 -0.77
N PHE B 188 21.74 -0.27 -1.15
CA PHE B 188 21.66 -0.88 -2.48
C PHE B 188 20.27 -0.68 -3.08
N LEU B 189 20.23 -0.38 -4.37
CA LEU B 189 18.96 -0.35 -5.09
C LEU B 189 18.82 -1.59 -5.96
N LEU B 190 17.77 -2.38 -5.73
CA LEU B 190 17.52 -3.59 -6.50
C LEU B 190 16.06 -3.73 -6.96
N PRO B 191 15.82 -3.67 -8.29
CA PRO B 191 14.47 -3.84 -8.89
C PRO B 191 13.75 -5.15 -8.58
N THR B 192 14.47 -6.28 -8.57
CA THR B 192 13.83 -7.58 -8.40
C THR B 192 14.14 -8.29 -7.09
N ALA B 193 13.23 -9.17 -6.67
CA ALA B 193 13.40 -9.99 -5.48
C ALA B 193 14.55 -11.00 -5.64
N ASN B 194 14.75 -11.47 -6.88
CA ASN B 194 15.86 -12.37 -7.21
C ASN B 194 17.20 -11.75 -6.81
N GLN B 195 17.36 -10.48 -7.15
CA GLN B 195 18.57 -9.73 -6.79
C GLN B 195 18.73 -9.55 -5.28
N VAL B 196 17.65 -9.19 -4.60
CA VAL B 196 17.68 -9.04 -3.15
C VAL B 196 18.06 -10.35 -2.48
N ILE B 197 17.42 -11.45 -2.89
CA ILE B 197 17.71 -12.77 -2.35
C ILE B 197 19.22 -13.09 -2.46
N LYS B 198 19.77 -12.88 -3.66
CA LYS B 198 21.18 -13.15 -3.94
C LYS B 198 22.13 -12.27 -3.12
N LEU B 199 21.84 -10.98 -3.01
CA LEU B 199 22.63 -10.08 -2.17
C LEU B 199 22.62 -10.51 -0.71
N LEU B 200 21.46 -10.91 -0.19
CA LEU B 200 21.35 -11.36 1.20
C LEU B 200 22.17 -12.62 1.46
N GLU B 201 22.21 -13.51 0.46
CA GLU B 201 23.07 -14.69 0.49
C GLU B 201 24.56 -14.33 0.58
N SER B 202 24.93 -13.19 -0.01
CA SER B 202 26.34 -12.81 -0.21
C SER B 202 26.91 -11.87 0.84
N ILE B 203 26.02 -11.14 1.53
CA ILE B 203 26.39 -9.98 2.32
C ILE B 203 26.85 -10.31 3.76
N GLU B 204 26.57 -11.53 4.22
CA GLU B 204 26.70 -11.89 5.65
C GLU B 204 28.06 -11.56 6.30
N ASN B 205 29.13 -11.73 5.55
CA ASN B 205 30.46 -11.49 6.09
C ASN B 205 30.86 -10.01 6.13
N TYR B 206 30.14 -9.18 5.39
CA TYR B 206 30.57 -7.79 5.16
C TYR B 206 29.74 -6.71 5.86
N PHE B 207 28.42 -6.90 5.88
CA PHE B 207 27.49 -5.89 6.39
C PHE B 207 26.40 -6.51 7.25
N GLY B 208 26.10 -5.84 8.36
CA GLY B 208 25.08 -6.30 9.29
C GLY B 208 24.02 -5.23 9.48
N ASN B 209 23.23 -5.37 10.55
CA ASN B 209 22.08 -4.50 10.80
C ASN B 209 21.28 -4.29 9.51
N LEU B 210 20.88 -5.39 8.90
CA LEU B 210 20.26 -5.37 7.58
C LEU B 210 18.81 -4.92 7.65
N GLU B 211 18.41 -4.14 6.66
CA GLU B 211 17.05 -3.66 6.49
C GLU B 211 16.70 -3.74 5.00
N VAL B 212 15.51 -4.25 4.69
CA VAL B 212 14.99 -4.17 3.34
C VAL B 212 13.63 -3.49 3.42
N VAL B 213 13.46 -2.43 2.63
CA VAL B 213 12.23 -1.65 2.67
C VAL B 213 11.81 -1.28 1.24
N GLU B 214 10.51 -1.18 1.03
CA GLU B 214 9.98 -0.60 -0.20
C GLU B 214 9.13 0.61 0.17
N ILE B 215 9.23 1.65 -0.65
CA ILE B 215 8.57 2.91 -0.38
C ILE B 215 7.48 3.15 -1.42
N LEU B 216 6.27 3.40 -0.92
CA LEU B 216 5.11 3.68 -1.75
C LEU B 216 4.56 5.07 -1.46
N HIS B 217 4.32 5.84 -2.52
CA HIS B 217 3.67 7.14 -2.41
C HIS B 217 2.33 7.08 -3.10
N ARG B 218 1.29 7.46 -2.39
CA ARG B 218 -0.01 7.64 -3.01
C ARG B 218 -0.40 9.10 -2.93
N HIS B 219 -0.65 9.70 -4.09
CA HIS B 219 -1.09 11.08 -4.17
C HIS B 219 -2.61 11.21 -4.17
N TYR B 220 -3.07 12.40 -3.78
CA TYR B 220 -4.49 12.67 -3.58
C TYR B 220 -4.95 13.81 -4.45
N LYS B 221 -6.23 13.79 -4.80
CA LYS B 221 -6.89 14.96 -5.40
C LYS B 221 -6.80 16.12 -4.40
N THR B 222 -6.50 17.31 -4.90
CA THR B 222 -6.37 18.49 -4.04
C THR B 222 -7.59 19.40 -4.12
N ILE B 223 -8.73 18.81 -4.47
CA ILE B 223 -10.00 19.52 -4.52
C ILE B 223 -10.73 19.25 -3.21
N SER B 224 -11.01 20.32 -2.48
CA SER B 224 -11.53 20.24 -1.11
C SER B 224 -12.77 19.35 -0.96
N GLU B 225 -13.73 19.51 -1.86
CA GLU B 225 -15.05 18.89 -1.77
C GLU B 225 -15.11 17.46 -2.33
N ARG B 226 -14.02 17.01 -2.94
CA ARG B 226 -13.91 15.63 -3.41
C ARG B 226 -12.52 15.06 -3.14
N PHE B 227 -12.13 15.09 -1.87
CA PHE B 227 -10.84 14.60 -1.41
C PHE B 227 -10.80 13.08 -1.44
N ARG B 228 -9.88 12.54 -2.25
CA ARG B 228 -9.72 11.11 -2.43
C ARG B 228 -8.35 10.83 -3.07
N PRO B 229 -7.83 9.60 -2.92
CA PRO B 229 -6.58 9.31 -3.63
C PRO B 229 -6.80 9.37 -5.14
N GLU B 230 -5.72 9.66 -5.87
CA GLU B 230 -5.68 9.50 -7.32
C GLU B 230 -6.07 8.08 -7.74
N ASP B 231 -6.50 7.94 -9.00
CA ASP B 231 -6.88 6.65 -9.58
C ASP B 231 -5.68 5.68 -9.69
N GLN B 232 -4.53 6.20 -10.08
CA GLN B 232 -3.34 5.38 -10.36
C GLN B 232 -2.14 5.85 -9.56
N MET B 233 -1.22 4.92 -9.29
CA MET B 233 0.02 5.25 -8.59
C MET B 233 1.17 4.39 -9.12
N VAL B 234 2.40 4.85 -8.85
CA VAL B 234 3.57 4.02 -9.04
C VAL B 234 3.50 2.91 -8.01
N ALA B 235 3.50 1.68 -8.50
CA ALA B 235 3.41 0.50 -7.64
C ALA B 235 4.77 0.08 -7.08
N HIS B 236 5.82 0.28 -7.88
CA HIS B 236 7.15 -0.23 -7.55
C HIS B 236 8.22 0.45 -8.36
N THR B 237 9.31 0.81 -7.67
CA THR B 237 10.53 1.30 -8.30
C THR B 237 11.63 0.27 -8.04
N ALA B 238 11.90 0.04 -6.77
CA ALA B 238 12.92 -0.92 -6.35
C ALA B 238 12.80 -1.27 -4.88
N TYR B 239 13.35 -2.43 -4.52
CA TYR B 239 13.65 -2.76 -3.13
C TYR B 239 14.90 -2.01 -2.71
N LEU B 240 14.89 -1.49 -1.49
CA LEU B 240 16.03 -0.75 -0.95
C LEU B 240 16.65 -1.58 0.14
N VAL B 241 17.96 -1.83 0.02
CA VAL B 241 18.69 -2.64 0.99
C VAL B 241 19.70 -1.76 1.71
N PHE B 242 19.63 -1.77 3.05
CA PHE B 242 20.57 -1.00 3.86
C PHE B 242 21.28 -1.90 4.84
N GLY B 243 22.56 -1.60 5.08
CA GLY B 243 23.35 -2.32 6.06
C GLY B 243 24.38 -1.42 6.71
N ARG B 244 25.20 -2.01 7.56
CA ARG B 244 26.27 -1.28 8.23
C ARG B 244 27.53 -2.14 8.19
N LYS B 245 28.67 -1.53 7.91
CA LYS B 245 29.93 -2.25 7.83
C LYS B 245 30.22 -3.08 9.10
N LEU B 246 30.45 -4.38 8.89
CA LEU B 246 30.90 -5.26 9.96
C LEU B 246 32.43 -5.24 10.07
N LYS B 247 32.94 -5.24 11.30
CA LYS B 247 34.37 -5.30 11.52
C LYS B 247 34.89 -6.68 11.15
N THR B 248 35.90 -6.72 10.28
CA THR B 248 36.52 -7.97 9.85
C THR B 248 38.03 -7.97 10.12
N ASN C 2 -36.13 -14.61 15.78
CA ASN C 2 -34.67 -14.90 15.68
C ASN C 2 -33.85 -14.34 16.85
N SER C 3 -34.47 -14.29 18.02
CA SER C 3 -33.83 -13.82 19.25
C SER C 3 -32.70 -14.74 19.70
N PHE C 4 -31.75 -14.18 20.43
CA PHE C 4 -30.59 -14.92 20.94
C PHE C 4 -30.99 -16.06 21.87
N LYS C 5 -30.46 -17.25 21.60
CA LYS C 5 -30.69 -18.44 22.38
C LYS C 5 -29.42 -18.76 23.15
N GLU C 6 -29.53 -19.50 24.25
CA GLU C 6 -28.34 -19.83 25.04
C GLU C 6 -27.47 -20.87 24.33
N GLY C 7 -26.17 -20.77 24.55
CA GLY C 7 -25.20 -21.68 23.95
C GLY C 7 -24.73 -21.29 22.57
N GLU C 8 -25.46 -20.39 21.91
CA GLU C 8 -25.07 -19.95 20.57
C GLU C 8 -24.00 -18.86 20.61
N TYR C 9 -23.25 -18.74 19.52
CA TYR C 9 -22.17 -17.77 19.42
C TYR C 9 -22.67 -16.40 19.00
N VAL C 10 -22.18 -15.37 19.70
CA VAL C 10 -22.60 -14.01 19.45
C VAL C 10 -21.37 -13.16 19.12
N LEU C 11 -21.54 -12.17 18.27
CA LEU C 11 -20.51 -11.18 18.04
C LEU C 11 -20.82 -9.90 18.79
N ILE C 12 -19.92 -9.54 19.70
CA ILE C 12 -20.08 -8.36 20.54
C ILE C 12 -19.13 -7.26 20.09
N ARG C 13 -19.68 -6.07 19.85
CA ARG C 13 -18.81 -4.92 19.64
C ARG C 13 -18.87 -3.91 20.77
N PHE C 14 -17.69 -3.56 21.28
CA PHE C 14 -17.55 -2.51 22.29
C PHE C 14 -16.39 -1.60 21.92
N GLY C 15 -16.71 -0.35 21.61
CA GLY C 15 -15.71 0.59 21.13
C GLY C 15 -15.19 0.17 19.76
N GLU C 16 -13.87 0.03 19.67
CA GLU C 16 -13.21 -0.35 18.41
C GLU C 16 -13.06 -1.86 18.23
N LYS C 17 -13.41 -2.63 19.26
CA LYS C 17 -13.08 -4.06 19.32
C LYS C 17 -14.28 -4.98 19.10
N LYS C 18 -14.02 -6.13 18.48
CA LYS C 18 -14.99 -7.18 18.31
C LYS C 18 -14.64 -8.38 19.21
N PHE C 19 -15.67 -9.01 19.76
CA PHE C 19 -15.49 -10.18 20.61
C PHE C 19 -16.45 -11.27 20.18
N LEU C 20 -15.98 -12.51 20.08
CA LEU C 20 -16.87 -13.63 19.84
C LEU C 20 -17.03 -14.43 21.12
N ARG C 21 -18.26 -14.56 21.58
CA ARG C 21 -18.56 -15.24 22.84
C ARG C 21 -19.76 -16.17 22.73
N LYS C 22 -19.61 -17.37 23.28
CA LYS C 22 -20.71 -18.32 23.43
C LYS C 22 -21.64 -17.86 24.56
N LEU C 23 -22.93 -17.82 24.29
CA LEU C 23 -23.94 -17.38 25.25
C LEU C 23 -24.19 -18.39 26.37
N LEU C 24 -23.35 -18.37 27.39
CA LEU C 24 -23.47 -19.28 28.53
C LEU C 24 -24.13 -18.59 29.73
N PRO C 25 -25.13 -19.26 30.34
CA PRO C 25 -25.86 -18.73 31.49
C PRO C 25 -24.97 -18.29 32.65
N LYS C 26 -25.31 -17.14 33.24
CA LYS C 26 -24.61 -16.56 34.41
C LYS C 26 -23.23 -15.96 34.12
N GLN C 27 -22.60 -16.38 33.02
CA GLN C 27 -21.31 -15.83 32.61
C GLN C 27 -21.43 -14.48 31.93
N SER C 28 -20.30 -13.78 31.78
CA SER C 28 -20.29 -12.42 31.26
C SER C 28 -19.01 -12.04 30.50
N LEU C 29 -19.04 -10.85 29.90
CA LEU C 29 -17.85 -10.25 29.29
C LEU C 29 -17.57 -8.90 29.93
N SER C 30 -16.37 -8.74 30.49
CA SER C 30 -15.97 -7.48 31.10
C SER C 30 -14.77 -6.86 30.40
N VAL C 31 -14.97 -5.64 29.88
CA VAL C 31 -13.90 -4.89 29.25
C VAL C 31 -13.85 -3.47 29.83
N LYS C 32 -12.67 -3.08 30.32
CA LYS C 32 -12.42 -1.73 30.85
C LYS C 32 -13.52 -1.33 31.85
N LYS C 33 -13.73 -2.20 32.86
CA LYS C 33 -14.77 -2.03 33.89
C LYS C 33 -16.17 -2.47 33.45
N SER C 34 -16.55 -2.09 32.22
CA SER C 34 -17.89 -2.34 31.69
C SER C 34 -18.20 -3.83 31.56
N VAL C 35 -19.38 -4.23 32.02
CA VAL C 35 -19.77 -5.64 32.04
C VAL C 35 -20.98 -5.89 31.14
N LEU C 36 -20.92 -6.98 30.39
CA LEU C 36 -22.06 -7.47 29.63
C LEU C 36 -22.40 -8.85 30.18
N LYS C 37 -23.59 -8.99 30.76
CA LYS C 37 -24.03 -10.29 31.30
C LYS C 37 -24.88 -11.01 30.26
N PHE C 38 -24.49 -12.24 29.94
CA PHE C 38 -25.12 -12.98 28.85
C PHE C 38 -26.59 -13.33 29.10
N ASP C 39 -26.98 -13.37 30.37
CA ASP C 39 -28.38 -13.60 30.77
C ASP C 39 -29.28 -12.47 30.27
N GLU C 40 -28.70 -11.30 30.12
CA GLU C 40 -29.40 -10.09 29.68
C GLU C 40 -29.51 -10.00 28.15
N VAL C 41 -28.79 -10.88 27.45
CA VAL C 41 -28.84 -10.90 25.97
C VAL C 41 -29.69 -12.04 25.41
N ILE C 42 -29.93 -13.07 26.22
CA ILE C 42 -30.83 -14.17 25.84
C ILE C 42 -32.24 -13.63 25.67
N GLY C 43 -32.86 -13.95 24.53
CA GLY C 43 -34.20 -13.50 24.22
C GLY C 43 -34.26 -12.13 23.56
N LYS C 44 -33.09 -11.51 23.39
CA LYS C 44 -33.00 -10.21 22.73
C LYS C 44 -32.74 -10.40 21.24
N PRO C 45 -33.20 -9.44 20.41
CA PRO C 45 -32.92 -9.50 18.97
C PRO C 45 -31.50 -9.05 18.62
N GLU C 46 -31.03 -9.43 17.42
CA GLU C 46 -29.76 -8.96 16.90
C GLU C 46 -29.76 -7.46 16.72
N GLY C 47 -28.64 -6.82 17.06
CA GLY C 47 -28.50 -5.39 16.93
C GLY C 47 -29.00 -4.66 18.16
N VAL C 48 -29.13 -5.41 19.26
CA VAL C 48 -29.50 -4.82 20.54
C VAL C 48 -28.25 -4.19 21.16
N LYS C 49 -28.43 -3.06 21.84
CA LYS C 49 -27.35 -2.38 22.54
C LYS C 49 -27.58 -2.43 24.05
N ILE C 50 -26.69 -3.12 24.75
CA ILE C 50 -26.81 -3.29 26.19
C ILE C 50 -25.54 -2.80 26.89
N ASN C 51 -25.68 -1.71 27.65
CA ASN C 51 -24.59 -1.12 28.44
C ASN C 51 -23.38 -0.71 27.59
N GLY C 52 -23.66 -0.22 26.38
CA GLY C 52 -22.61 0.18 25.43
C GLY C 52 -22.11 -0.95 24.55
N PHE C 53 -22.58 -2.17 24.81
CA PHE C 53 -22.22 -3.34 24.00
C PHE C 53 -23.27 -3.62 22.93
N GLU C 54 -22.86 -3.61 21.67
CA GLU C 54 -23.75 -4.02 20.57
C GLU C 54 -23.57 -5.50 20.34
N VAL C 55 -24.66 -6.24 20.17
CA VAL C 55 -24.54 -7.69 19.97
C VAL C 55 -25.26 -8.17 18.69
N TYR C 56 -24.60 -9.08 17.98
CA TYR C 56 -25.10 -9.63 16.71
C TYR C 56 -24.72 -11.10 16.59
N ARG C 57 -25.25 -11.77 15.58
CA ARG C 57 -24.68 -13.04 15.14
C ARG C 57 -23.47 -12.77 14.25
N PRO C 58 -22.42 -13.60 14.37
CA PRO C 58 -21.20 -13.39 13.59
C PRO C 58 -21.37 -13.72 12.10
N THR C 59 -20.71 -12.94 11.25
CA THR C 59 -20.63 -13.26 9.82
C THR C 59 -19.54 -14.30 9.59
N LEU C 60 -19.46 -14.80 8.36
CA LEU C 60 -18.43 -15.74 7.92
C LEU C 60 -17.01 -15.25 8.23
N GLU C 61 -16.74 -13.98 7.94
CA GLU C 61 -15.44 -13.40 8.24
C GLU C 61 -15.11 -13.45 9.73
N GLU C 62 -16.07 -13.03 10.55
CA GLU C 62 -15.91 -13.01 12.00
C GLU C 62 -15.80 -14.42 12.60
N ILE C 63 -16.54 -15.37 12.03
CA ILE C 63 -16.43 -16.80 12.40
C ILE C 63 -15.02 -17.34 12.17
N ILE C 64 -14.45 -17.07 11.00
CA ILE C 64 -13.11 -17.51 10.64
C ILE C 64 -12.05 -16.84 11.53
N LEU C 65 -12.16 -15.53 11.69
CA LEU C 65 -11.13 -14.74 12.39
C LEU C 65 -11.16 -14.91 13.91
N LEU C 66 -12.36 -15.06 14.46
CA LEU C 66 -12.51 -15.07 15.92
C LEU C 66 -12.99 -16.43 16.47
N GLY C 67 -13.56 -17.26 15.60
CA GLY C 67 -14.18 -18.51 16.01
C GLY C 67 -13.41 -19.78 15.71
N PHE C 68 -12.66 -19.79 14.61
CA PHE C 68 -11.96 -20.99 14.17
C PHE C 68 -10.69 -21.23 15.00
N GLU C 69 -10.57 -22.46 15.49
CA GLU C 69 -9.37 -22.90 16.19
C GLU C 69 -8.22 -23.02 15.20
N ARG C 70 -7.09 -22.41 15.54
CA ARG C 70 -5.93 -22.40 14.65
C ARG C 70 -4.84 -23.34 15.14
N LYS C 71 -4.69 -24.46 14.43
CA LYS C 71 -3.62 -25.42 14.70
C LYS C 71 -2.52 -25.21 13.66
N THR C 72 -2.85 -24.40 12.65
CA THR C 72 -1.95 -24.09 11.56
C THR C 72 -2.07 -22.60 11.26
N GLN C 73 -1.21 -22.12 10.38
CA GLN C 73 -1.40 -20.81 9.76
C GLN C 73 -2.67 -20.88 8.90
N ILE C 74 -3.56 -19.90 9.05
CA ILE C 74 -4.78 -19.86 8.26
C ILE C 74 -4.65 -18.96 7.03
N ILE C 75 -5.59 -19.12 6.09
CA ILE C 75 -5.78 -18.19 5.00
C ILE C 75 -6.88 -17.21 5.42
N TYR C 76 -6.54 -15.92 5.42
CA TYR C 76 -7.44 -14.89 5.92
C TYR C 76 -8.50 -14.50 4.89
N PRO C 77 -9.71 -14.13 5.36
CA PRO C 77 -10.81 -13.67 4.50
C PRO C 77 -10.41 -12.65 3.45
N LYS C 78 -9.49 -11.74 3.79
CA LYS C 78 -8.89 -10.81 2.83
C LYS C 78 -8.47 -11.53 1.53
N ASP C 79 -7.81 -12.67 1.68
CA ASP C 79 -7.37 -13.48 0.56
C ASP C 79 -8.47 -14.44 0.07
N SER C 80 -9.08 -15.16 1.01
CA SER C 80 -9.99 -16.26 0.68
C SER C 80 -11.27 -15.80 -0.03
N PHE C 81 -11.76 -14.63 0.35
CA PHE C 81 -12.95 -14.06 -0.31
C PHE C 81 -12.65 -13.75 -1.77
N TYR C 82 -11.44 -13.26 -2.07
CA TYR C 82 -11.05 -13.02 -3.45
C TYR C 82 -10.78 -14.33 -4.21
N ILE C 83 -10.09 -15.25 -3.56
CA ILE C 83 -9.74 -16.56 -4.12
C ILE C 83 -10.96 -17.34 -4.63
N ALA C 84 -11.96 -17.50 -3.76
CA ALA C 84 -13.16 -18.27 -4.09
C ALA C 84 -13.83 -17.82 -5.39
N LEU C 85 -13.95 -16.50 -5.58
CA LEU C 85 -14.62 -15.97 -6.76
C LEU C 85 -13.69 -15.81 -7.96
N LYS C 86 -12.41 -15.54 -7.71
CA LYS C 86 -11.37 -15.57 -8.73
C LYS C 86 -11.28 -16.95 -9.40
N LEU C 87 -11.42 -18.01 -8.60
CA LEU C 87 -11.45 -19.38 -9.13
C LEU C 87 -12.76 -19.70 -9.88
N ASN C 88 -13.63 -18.70 -10.03
CA ASN C 88 -14.84 -18.79 -10.86
C ASN C 88 -15.86 -19.79 -10.32
N LEU C 89 -15.90 -19.89 -9.00
CA LEU C 89 -16.73 -20.90 -8.35
C LEU C 89 -18.19 -20.49 -8.22
N ASN C 90 -19.08 -21.47 -8.35
CA ASN C 90 -20.48 -21.33 -7.99
C ASN C 90 -21.05 -22.70 -7.60
N LYS C 91 -22.37 -22.77 -7.40
CA LYS C 91 -23.00 -24.00 -6.92
C LYS C 91 -22.94 -25.19 -7.89
N GLU C 92 -22.62 -24.91 -9.15
CA GLU C 92 -22.47 -25.94 -10.18
C GLU C 92 -21.04 -26.45 -10.31
N LYS C 93 -20.16 -26.00 -9.42
CA LYS C 93 -18.72 -26.28 -9.53
C LYS C 93 -18.18 -27.18 -8.41
N ARG C 94 -17.24 -28.03 -8.77
CA ARG C 94 -16.51 -28.90 -7.83
C ARG C 94 -15.07 -28.41 -7.69
N VAL C 95 -14.62 -28.24 -6.45
CA VAL C 95 -13.29 -27.67 -6.21
C VAL C 95 -12.38 -28.57 -5.37
N LEU C 96 -11.11 -28.60 -5.75
CA LEU C 96 -10.08 -29.34 -5.04
C LEU C 96 -9.28 -28.38 -4.16
N GLU C 97 -9.02 -28.79 -2.92
CA GLU C 97 -8.18 -28.05 -1.99
C GLU C 97 -7.28 -28.96 -1.19
N PHE C 98 -6.02 -28.55 -1.04
CA PHE C 98 -5.10 -29.16 -0.08
C PHE C 98 -3.96 -28.18 0.18
N GLY C 99 -3.40 -28.17 1.38
CA GLY C 99 -3.91 -28.94 2.52
C GLY C 99 -5.03 -28.21 3.23
N THR C 100 -5.90 -28.97 3.88
CA THR C 100 -7.05 -28.39 4.59
C THR C 100 -6.62 -27.45 5.70
N GLY C 101 -5.53 -27.81 6.40
CA GLY C 101 -5.06 -27.06 7.56
C GLY C 101 -6.13 -26.94 8.63
N SER C 102 -6.49 -25.70 8.96
CA SER C 102 -7.52 -25.41 9.97
C SER C 102 -8.92 -25.19 9.37
N GLY C 103 -8.99 -25.23 8.05
CA GLY C 103 -10.27 -25.14 7.34
C GLY C 103 -10.79 -23.74 7.07
N ALA C 104 -9.92 -22.74 7.22
CA ALA C 104 -10.31 -21.33 7.08
C ALA C 104 -10.65 -20.93 5.63
N LEU C 105 -9.83 -21.38 4.68
CA LEU C 105 -10.18 -21.22 3.26
C LEU C 105 -11.34 -22.13 2.89
N LEU C 106 -11.29 -23.38 3.38
CA LEU C 106 -12.34 -24.37 3.13
C LEU C 106 -13.74 -23.84 3.39
N ALA C 107 -13.91 -23.08 4.48
CA ALA C 107 -15.20 -22.51 4.86
C ALA C 107 -15.78 -21.62 3.77
N VAL C 108 -14.89 -20.88 3.09
CA VAL C 108 -15.30 -19.98 2.02
C VAL C 108 -15.57 -20.77 0.73
N LEU C 109 -14.68 -21.71 0.40
CA LEU C 109 -14.86 -22.59 -0.75
C LEU C 109 -16.19 -23.33 -0.67
N SER C 110 -16.51 -23.82 0.54
CA SER C 110 -17.72 -24.57 0.81
C SER C 110 -18.99 -23.74 0.59
N GLU C 111 -18.94 -22.47 0.97
CA GLU C 111 -20.09 -21.57 0.83
C GLU C 111 -20.34 -21.16 -0.61
N VAL C 112 -19.27 -21.09 -1.41
CA VAL C 112 -19.35 -20.62 -2.79
C VAL C 112 -19.54 -21.77 -3.78
N ALA C 113 -18.79 -22.85 -3.59
CA ALA C 113 -18.80 -23.97 -4.52
C ALA C 113 -19.92 -24.95 -4.21
N GLY C 114 -20.25 -25.78 -5.21
CA GLY C 114 -21.21 -26.85 -5.02
C GLY C 114 -20.65 -28.03 -4.26
N GLU C 115 -19.36 -28.30 -4.45
CA GLU C 115 -18.71 -29.47 -3.86
C GLU C 115 -17.22 -29.22 -3.66
N VAL C 116 -16.69 -29.62 -2.51
CA VAL C 116 -15.26 -29.52 -2.23
C VAL C 116 -14.67 -30.87 -1.84
N TRP C 117 -13.53 -31.21 -2.44
CA TRP C 117 -12.68 -32.32 -2.00
C TRP C 117 -11.46 -31.71 -1.34
N THR C 118 -11.24 -32.05 -0.08
CA THR C 118 -10.12 -31.46 0.64
C THR C 118 -9.26 -32.54 1.29
N PHE C 119 -7.95 -32.32 1.25
CA PHE C 119 -6.98 -33.33 1.67
C PHE C 119 -6.06 -32.76 2.72
N GLU C 120 -5.97 -33.47 3.85
CA GLU C 120 -5.06 -33.10 4.93
C GLU C 120 -4.34 -34.35 5.46
N ALA C 121 -3.02 -34.32 5.41
CA ALA C 121 -2.20 -35.46 5.82
C ALA C 121 -2.11 -35.62 7.33
N VAL C 122 -2.08 -34.50 8.06
CA VAL C 122 -2.00 -34.51 9.52
C VAL C 122 -3.39 -34.73 10.12
N GLU C 123 -3.51 -35.82 10.90
CA GLU C 123 -4.78 -36.27 11.47
C GLU C 123 -5.42 -35.24 12.40
N GLU C 124 -4.61 -34.60 13.25
CA GLU C 124 -5.16 -33.63 14.21
C GLU C 124 -5.63 -32.33 13.53
N PHE C 125 -5.00 -31.98 12.40
CA PHE C 125 -5.47 -30.84 11.61
C PHE C 125 -6.75 -31.21 10.85
N TYR C 126 -6.78 -32.44 10.34
CA TYR C 126 -7.95 -33.01 9.67
C TYR C 126 -9.18 -33.00 10.59
N LYS C 127 -8.97 -33.33 11.87
CA LYS C 127 -10.03 -33.31 12.89
C LYS C 127 -10.44 -31.90 13.28
N THR C 128 -9.48 -30.99 13.39
CA THR C 128 -9.74 -29.61 13.78
C THR C 128 -10.55 -28.86 12.71
N ALA C 129 -10.20 -29.05 11.44
CA ALA C 129 -10.95 -28.46 10.33
C ALA C 129 -12.42 -28.89 10.33
N GLN C 130 -12.66 -30.18 10.53
CA GLN C 130 -14.03 -30.71 10.57
C GLN C 130 -14.80 -30.11 11.74
N LYS C 131 -14.14 -30.07 12.89
CA LYS C 131 -14.70 -29.48 14.10
C LYS C 131 -15.01 -27.98 13.92
N ASN C 132 -14.08 -27.25 13.31
CA ASN C 132 -14.28 -25.83 13.02
C ASN C 132 -15.55 -25.52 12.23
N LEU C 133 -15.69 -26.16 11.06
CA LEU C 133 -16.84 -25.91 10.19
C LEU C 133 -18.16 -26.42 10.79
N LYS C 134 -18.11 -27.61 11.38
CA LYS C 134 -19.28 -28.22 12.04
C LYS C 134 -19.81 -27.34 13.17
N LYS C 135 -18.90 -26.77 13.96
CA LYS C 135 -19.23 -25.87 15.07
C LYS C 135 -20.06 -24.67 14.62
N PHE C 136 -19.87 -24.25 13.37
CA PHE C 136 -20.58 -23.11 12.82
C PHE C 136 -21.52 -23.44 11.67
N ASN C 137 -21.92 -24.71 11.58
CA ASN C 137 -22.93 -25.18 10.62
C ASN C 137 -22.50 -24.97 9.16
N LEU C 138 -21.23 -25.26 8.87
CA LEU C 138 -20.67 -25.11 7.54
C LEU C 138 -20.11 -26.45 7.07
N GLY C 139 -19.72 -26.50 5.79
CA GLY C 139 -19.03 -27.66 5.22
C GLY C 139 -19.87 -28.89 4.95
N LYS C 140 -21.15 -28.69 4.69
CA LYS C 140 -22.07 -29.81 4.42
C LYS C 140 -21.86 -30.44 3.04
N ASN C 141 -21.20 -29.69 2.16
CA ASN C 141 -20.90 -30.14 0.79
C ASN C 141 -19.42 -30.50 0.65
N VAL C 142 -18.76 -30.82 1.76
CA VAL C 142 -17.33 -31.09 1.75
C VAL C 142 -17.01 -32.58 1.96
N LYS C 143 -16.13 -33.11 1.12
CA LYS C 143 -15.54 -34.42 1.33
C LYS C 143 -14.14 -34.25 1.93
N PHE C 144 -14.00 -34.62 3.21
CA PHE C 144 -12.71 -34.55 3.88
C PHE C 144 -11.93 -35.85 3.69
N PHE C 145 -10.66 -35.73 3.32
CA PHE C 145 -9.76 -36.88 3.22
C PHE C 145 -8.53 -36.72 4.10
N ASN C 146 -8.29 -37.71 4.95
CA ASN C 146 -7.12 -37.73 5.84
C ASN C 146 -5.96 -38.47 5.18
N VAL C 147 -5.51 -37.93 4.05
CA VAL C 147 -4.44 -38.54 3.29
C VAL C 147 -3.63 -37.46 2.57
N ASP C 148 -2.35 -37.75 2.36
CA ASP C 148 -1.51 -37.00 1.45
C ASP C 148 -2.15 -37.06 0.06
N PHE C 149 -2.39 -35.90 -0.53
CA PHE C 149 -2.97 -35.80 -1.88
C PHE C 149 -2.28 -36.69 -2.93
N LYS C 150 -0.95 -36.85 -2.83
CA LYS C 150 -0.19 -37.66 -3.80
C LYS C 150 -0.56 -39.15 -3.76
N ASP C 151 -1.03 -39.61 -2.60
CA ASP C 151 -1.44 -41.00 -2.39
C ASP C 151 -2.93 -41.24 -2.68
N ALA C 152 -3.68 -40.15 -2.80
CA ALA C 152 -5.13 -40.20 -3.00
C ALA C 152 -5.53 -40.74 -4.37
N GLU C 153 -6.62 -41.51 -4.38
CA GLU C 153 -7.24 -41.99 -5.62
C GLU C 153 -8.18 -40.90 -6.13
N VAL C 154 -7.76 -40.22 -7.19
CA VAL C 154 -8.51 -39.07 -7.71
C VAL C 154 -8.78 -39.26 -9.19
N PRO C 155 -10.07 -39.34 -9.56
CA PRO C 155 -10.44 -39.43 -10.98
C PRO C 155 -9.90 -38.22 -11.73
N GLU C 156 -9.50 -38.43 -12.98
CA GLU C 156 -8.97 -37.36 -13.82
C GLU C 156 -10.09 -36.48 -14.38
N GLY C 157 -9.82 -35.18 -14.47
CA GLY C 157 -10.73 -34.21 -15.08
C GLY C 157 -12.07 -34.02 -14.39
N ILE C 158 -12.08 -34.04 -13.06
CA ILE C 158 -13.33 -33.84 -12.33
C ILE C 158 -13.47 -32.47 -11.65
N PHE C 159 -12.39 -31.69 -11.59
CA PHE C 159 -12.41 -30.42 -10.85
C PHE C 159 -12.51 -29.19 -11.74
N HIS C 160 -13.48 -28.33 -11.43
CA HIS C 160 -13.65 -27.08 -12.14
C HIS C 160 -12.65 -26.03 -11.65
N ALA C 161 -12.01 -26.31 -10.52
CA ALA C 161 -10.95 -25.45 -9.97
C ALA C 161 -10.18 -26.21 -8.89
N ALA C 162 -9.00 -25.69 -8.57
CA ALA C 162 -8.15 -26.23 -7.54
C ALA C 162 -7.43 -25.11 -6.82
N PHE C 163 -7.23 -25.27 -5.51
CA PHE C 163 -6.39 -24.36 -4.76
C PHE C 163 -5.37 -25.11 -3.92
N VAL C 164 -4.10 -24.72 -4.04
CA VAL C 164 -3.00 -25.42 -3.39
C VAL C 164 -2.32 -24.51 -2.35
N ASP C 165 -2.30 -24.96 -1.09
CA ASP C 165 -1.57 -24.31 -0.01
C ASP C 165 -0.67 -25.35 0.67
N VAL C 166 0.53 -25.49 0.13
CA VAL C 166 1.56 -26.37 0.69
C VAL C 166 2.90 -25.64 0.56
N ARG C 167 3.91 -26.06 1.33
CA ARG C 167 5.26 -25.48 1.25
C ARG C 167 5.88 -25.57 -0.14
N GLU C 168 5.72 -26.72 -0.80
CA GLU C 168 6.37 -26.98 -2.09
C GLU C 168 5.39 -27.45 -3.18
N PRO C 169 4.53 -26.53 -3.67
CA PRO C 169 3.45 -26.90 -4.60
C PRO C 169 3.92 -27.50 -5.94
N TRP C 170 5.15 -27.17 -6.35
CA TRP C 170 5.69 -27.62 -7.63
C TRP C 170 5.77 -29.14 -7.77
N HIS C 171 5.83 -29.86 -6.65
CA HIS C 171 5.86 -31.33 -6.63
C HIS C 171 4.51 -31.96 -7.02
N TYR C 172 3.46 -31.14 -7.02
CA TYR C 172 2.09 -31.64 -7.19
C TYR C 172 1.44 -31.17 -8.49
N LEU C 173 2.20 -30.43 -9.30
CA LEU C 173 1.66 -29.81 -10.50
C LEU C 173 1.02 -30.78 -11.50
N GLU C 174 1.67 -31.93 -11.71
CA GLU C 174 1.21 -32.91 -12.69
C GLU C 174 -0.12 -33.56 -12.30
N LYS C 175 -0.26 -33.92 -11.03
CA LYS C 175 -1.48 -34.55 -10.55
C LYS C 175 -2.65 -33.56 -10.49
N VAL C 176 -2.40 -32.34 -10.03
CA VAL C 176 -3.42 -31.28 -10.03
C VAL C 176 -3.91 -30.98 -11.44
N HIS C 177 -2.97 -30.82 -12.37
CA HIS C 177 -3.26 -30.61 -13.79
C HIS C 177 -4.17 -31.73 -14.34
N LYS C 178 -3.83 -32.97 -14.03
CA LYS C 178 -4.60 -34.15 -14.41
C LYS C 178 -6.01 -34.17 -13.80
N SER C 179 -6.12 -33.70 -12.55
CA SER C 179 -7.37 -33.76 -11.80
C SER C 179 -8.35 -32.67 -12.23
N LEU C 180 -7.81 -31.63 -12.87
CA LEU C 180 -8.61 -30.51 -13.34
C LEU C 180 -9.24 -30.81 -14.68
N MET C 181 -10.41 -30.20 -14.91
CA MET C 181 -11.05 -30.18 -16.22
C MET C 181 -10.32 -29.22 -17.14
N GLU C 182 -10.53 -29.36 -18.44
CA GLU C 182 -9.81 -28.54 -19.43
C GLU C 182 -10.05 -27.05 -19.22
N GLY C 183 -8.96 -26.28 -19.24
CA GLY C 183 -8.99 -24.82 -19.07
C GLY C 183 -9.33 -24.31 -17.68
N ALA C 184 -9.32 -25.18 -16.67
CA ALA C 184 -9.79 -24.81 -15.35
C ALA C 184 -8.80 -23.94 -14.55
N PRO C 185 -9.32 -22.94 -13.82
CA PRO C 185 -8.49 -22.11 -12.93
C PRO C 185 -7.81 -22.90 -11.82
N VAL C 186 -6.58 -22.50 -11.48
CA VAL C 186 -5.87 -23.00 -10.32
C VAL C 186 -5.32 -21.81 -9.52
N GLY C 187 -5.15 -21.97 -8.22
CA GLY C 187 -4.57 -20.92 -7.39
C GLY C 187 -3.58 -21.52 -6.42
N PHE C 188 -2.58 -20.72 -6.04
CA PHE C 188 -1.55 -21.14 -5.09
C PHE C 188 -1.34 -20.06 -4.06
N LEU C 189 -1.21 -20.47 -2.80
CA LEU C 189 -0.83 -19.57 -1.71
C LEU C 189 0.63 -19.77 -1.37
N LEU C 190 1.42 -18.70 -1.49
CA LEU C 190 2.85 -18.75 -1.17
C LEU C 190 3.29 -17.51 -0.37
N PRO C 191 3.69 -17.72 0.89
CA PRO C 191 4.16 -16.64 1.77
C PRO C 191 5.49 -15.98 1.37
N THR C 192 6.42 -16.74 0.78
CA THR C 192 7.72 -16.16 0.43
C THR C 192 7.91 -15.96 -1.07
N ALA C 193 8.70 -14.95 -1.42
CA ALA C 193 9.09 -14.69 -2.80
C ALA C 193 9.91 -15.84 -3.40
N ASN C 194 10.71 -16.50 -2.55
CA ASN C 194 11.51 -17.68 -2.96
C ASN C 194 10.63 -18.79 -3.53
N GLN C 195 9.55 -19.11 -2.82
CA GLN C 195 8.56 -20.07 -3.28
C GLN C 195 7.93 -19.68 -4.61
N VAL C 196 7.55 -18.40 -4.75
CA VAL C 196 6.95 -17.93 -6.00
C VAL C 196 7.90 -18.10 -7.18
N ILE C 197 9.14 -17.64 -7.00
CA ILE C 197 10.19 -17.77 -8.01
C ILE C 197 10.34 -19.23 -8.44
N LYS C 198 10.42 -20.14 -7.47
CA LYS C 198 10.57 -21.56 -7.74
C LYS C 198 9.33 -22.15 -8.47
N LEU C 199 8.12 -21.79 -8.03
CA LEU C 199 6.92 -22.22 -8.74
C LEU C 199 6.90 -21.74 -10.19
N LEU C 200 7.34 -20.50 -10.42
CA LEU C 200 7.33 -19.93 -11.78
C LEU C 200 8.31 -20.58 -12.75
N GLU C 201 9.30 -21.30 -12.21
CA GLU C 201 10.26 -22.04 -13.04
C GLU C 201 9.61 -23.21 -13.80
N SER C 202 8.65 -23.87 -13.17
CA SER C 202 8.05 -25.09 -13.74
C SER C 202 6.56 -24.99 -14.14
N ILE C 203 5.87 -23.96 -13.65
CA ILE C 203 4.40 -23.91 -13.77
C ILE C 203 3.89 -23.91 -15.23
N GLU C 204 4.66 -23.30 -16.14
CA GLU C 204 4.22 -23.10 -17.53
C GLU C 204 4.23 -24.38 -18.38
N ASN C 205 4.73 -25.46 -17.80
CA ASN C 205 4.56 -26.80 -18.35
C ASN C 205 3.10 -27.28 -18.19
N TYR C 206 2.35 -26.63 -17.29
CA TYR C 206 1.03 -27.12 -16.89
C TYR C 206 -0.07 -26.06 -16.95
N PHE C 207 0.26 -24.83 -16.57
CA PHE C 207 -0.74 -23.76 -16.43
C PHE C 207 -0.31 -22.48 -17.12
N GLY C 208 -1.27 -21.79 -17.72
CA GLY C 208 -1.03 -20.54 -18.44
C GLY C 208 -1.88 -19.42 -17.87
N ASN C 209 -1.98 -18.30 -18.59
CA ASN C 209 -2.74 -17.13 -18.14
C ASN C 209 -2.36 -16.77 -16.70
N LEU C 210 -1.05 -16.67 -16.46
CA LEU C 210 -0.50 -16.52 -15.12
C LEU C 210 -0.71 -15.12 -14.55
N GLU C 211 -1.03 -15.07 -13.27
CA GLU C 211 -1.19 -13.82 -12.54
C GLU C 211 -0.60 -14.02 -11.15
N VAL C 212 0.13 -13.01 -10.67
CA VAL C 212 0.59 -12.99 -9.28
C VAL C 212 0.12 -11.68 -8.68
N VAL C 213 -0.61 -11.77 -7.57
CA VAL C 213 -1.16 -10.59 -6.94
C VAL C 213 -0.97 -10.69 -5.42
N GLU C 214 -0.81 -9.55 -4.77
CA GLU C 214 -0.93 -9.47 -3.32
C GLU C 214 -2.08 -8.52 -2.98
N ILE C 215 -2.75 -8.80 -1.87
CA ILE C 215 -3.92 -8.02 -1.47
C ILE C 215 -3.66 -7.35 -0.13
N LEU C 216 -3.84 -6.04 -0.10
CA LEU C 216 -3.67 -5.29 1.13
C LEU C 216 -5.00 -4.65 1.52
N HIS C 217 -5.34 -4.77 2.79
CA HIS C 217 -6.51 -4.07 3.35
C HIS C 217 -6.01 -3.06 4.37
N ARG C 218 -6.46 -1.82 4.23
CA ARG C 218 -6.21 -0.84 5.26
C ARG C 218 -7.53 -0.36 5.86
N HIS C 219 -7.66 -0.55 7.16
CA HIS C 219 -8.88 -0.14 7.87
C HIS C 219 -8.80 1.29 8.38
N TYR C 220 -9.96 1.89 8.60
CA TYR C 220 -10.08 3.30 8.99
C TYR C 220 -10.82 3.46 10.31
N LYS C 221 -10.46 4.49 11.07
CA LYS C 221 -11.24 4.92 12.21
C LYS C 221 -12.61 5.33 11.72
N THR C 222 -13.66 4.87 12.41
CA THR C 222 -15.03 5.16 11.99
C THR C 222 -15.65 6.29 12.82
N ILE C 223 -14.80 7.22 13.24
CA ILE C 223 -15.22 8.44 13.95
C ILE C 223 -15.29 9.58 12.94
N SER C 224 -16.50 10.12 12.78
CA SER C 224 -16.81 11.10 11.75
C SER C 224 -15.86 12.30 11.69
N GLU C 225 -15.53 12.84 12.87
CA GLU C 225 -14.76 14.08 13.01
C GLU C 225 -13.25 13.85 12.92
N ARG C 226 -12.83 12.59 13.04
CA ARG C 226 -11.42 12.24 13.00
C ARG C 226 -11.19 11.05 12.08
N PHE C 227 -11.68 11.18 10.85
CA PHE C 227 -11.57 10.15 9.84
C PHE C 227 -10.14 10.03 9.29
N ARG C 228 -9.55 8.86 9.49
CA ARG C 228 -8.16 8.57 9.10
C ARG C 228 -7.91 7.06 9.15
N PRO C 229 -6.88 6.58 8.40
CA PRO C 229 -6.54 5.17 8.49
C PRO C 229 -6.03 4.80 9.88
N GLU C 230 -6.17 3.53 10.25
CA GLU C 230 -5.62 3.00 11.52
C GLU C 230 -4.10 3.15 11.56
N ASP C 231 -3.53 3.05 12.76
CA ASP C 231 -2.09 3.15 12.98
C ASP C 231 -1.29 2.01 12.31
N GLN C 232 -1.82 0.80 12.42
CA GLN C 232 -1.13 -0.40 11.95
C GLN C 232 -2.03 -1.18 11.00
N MET C 233 -1.42 -1.96 10.13
CA MET C 233 -2.15 -2.91 9.30
C MET C 233 -1.35 -4.20 9.11
N VAL C 234 -2.05 -5.24 8.69
CA VAL C 234 -1.43 -6.44 8.18
C VAL C 234 -0.70 -6.02 6.89
N ALA C 235 0.61 -6.26 6.89
CA ALA C 235 1.45 -5.88 5.75
C ALA C 235 1.44 -6.96 4.67
N HIS C 236 1.45 -8.22 5.11
CA HIS C 236 1.60 -9.36 4.20
C HIS C 236 1.00 -10.60 4.82
N THR C 237 0.31 -11.37 3.98
CA THR C 237 -0.09 -12.73 4.33
C THR C 237 0.60 -13.70 3.37
N ALA C 238 0.36 -13.50 2.07
CA ALA C 238 0.95 -14.36 1.05
C ALA C 238 0.83 -13.75 -0.33
N TYR C 239 1.71 -14.18 -1.22
CA TYR C 239 1.55 -13.95 -2.65
C TYR C 239 0.56 -14.98 -3.18
N LEU C 240 -0.35 -14.53 -4.04
CA LEU C 240 -1.33 -15.42 -4.64
C LEU C 240 -1.00 -15.52 -6.12
N VAL C 241 -0.81 -16.75 -6.58
CA VAL C 241 -0.54 -17.00 -8.00
C VAL C 241 -1.71 -17.77 -8.60
N PHE C 242 -2.24 -17.24 -9.71
CA PHE C 242 -3.36 -17.86 -10.39
C PHE C 242 -2.96 -18.27 -11.80
N GLY C 243 -3.60 -19.32 -12.30
CA GLY C 243 -3.38 -19.77 -13.66
C GLY C 243 -4.57 -20.53 -14.21
N ARG C 244 -4.42 -21.04 -15.42
CA ARG C 244 -5.45 -21.82 -16.10
C ARG C 244 -4.85 -23.07 -16.74
N LYS C 245 -5.56 -24.19 -16.65
CA LYS C 245 -5.05 -25.45 -17.20
C LYS C 245 -4.79 -25.34 -18.71
N LEU C 246 -3.55 -25.65 -19.10
CA LEU C 246 -3.16 -25.71 -20.50
C LEU C 246 -3.45 -27.10 -21.05
N LYS C 247 -3.93 -27.17 -22.28
CA LYS C 247 -4.17 -28.47 -22.91
C LYS C 247 -2.84 -29.11 -23.28
N THR C 248 -2.58 -30.29 -22.69
CA THR C 248 -1.38 -31.05 -23.00
C THR C 248 -1.71 -32.18 -23.97
N ASN D 2 -16.63 -30.04 -23.97
CA ASN D 2 -17.13 -29.00 -24.91
C ASN D 2 -16.02 -28.13 -25.50
N SER D 3 -15.98 -28.06 -26.82
CA SER D 3 -14.97 -27.32 -27.57
C SER D 3 -15.46 -25.92 -27.91
N PHE D 4 -14.57 -25.07 -28.42
CA PHE D 4 -14.91 -23.70 -28.80
C PHE D 4 -15.91 -23.63 -29.95
N LYS D 5 -17.12 -23.17 -29.66
CA LYS D 5 -18.14 -22.90 -30.67
C LYS D 5 -17.99 -21.48 -31.20
N GLU D 6 -18.49 -21.21 -32.40
CA GLU D 6 -18.46 -19.85 -32.95
C GLU D 6 -19.52 -18.96 -32.30
N GLY D 7 -19.27 -17.66 -32.30
CA GLY D 7 -20.20 -16.70 -31.70
C GLY D 7 -20.09 -16.55 -30.20
N GLU D 8 -19.28 -17.40 -29.57
CA GLU D 8 -19.05 -17.30 -28.13
C GLU D 8 -17.81 -16.47 -27.81
N TYR D 9 -17.86 -15.80 -26.66
CA TYR D 9 -16.78 -14.92 -26.22
C TYR D 9 -15.67 -15.74 -25.57
N VAL D 10 -14.43 -15.46 -25.97
CA VAL D 10 -13.27 -16.17 -25.43
C VAL D 10 -12.24 -15.20 -24.83
N LEU D 11 -11.50 -15.69 -23.85
CA LEU D 11 -10.38 -14.93 -23.30
C LEU D 11 -9.08 -15.36 -23.95
N ILE D 12 -8.40 -14.40 -24.56
CA ILE D 12 -7.13 -14.63 -25.24
C ILE D 12 -6.02 -13.99 -24.42
N ARG D 13 -4.99 -14.78 -24.13
CA ARG D 13 -3.80 -14.27 -23.45
C ARG D 13 -2.62 -14.22 -24.42
N PHE D 14 -2.01 -13.05 -24.53
CA PHE D 14 -0.79 -12.87 -25.33
C PHE D 14 0.17 -11.95 -24.58
N GLY D 15 1.32 -12.51 -24.21
CA GLY D 15 2.31 -11.78 -23.40
C GLY D 15 1.75 -11.46 -22.03
N GLU D 16 1.76 -10.19 -21.68
CA GLU D 16 1.23 -9.71 -20.40
C GLU D 16 -0.25 -9.35 -20.48
N LYS D 17 -0.82 -9.37 -21.68
CA LYS D 17 -2.15 -8.80 -21.91
C LYS D 17 -3.26 -9.83 -22.16
N LYS D 18 -4.44 -9.53 -21.65
CA LYS D 18 -5.66 -10.30 -21.87
C LYS D 18 -6.58 -9.61 -22.87
N PHE D 19 -7.26 -10.41 -23.69
CA PHE D 19 -8.23 -9.91 -24.67
C PHE D 19 -9.51 -10.74 -24.60
N LEU D 20 -10.65 -10.08 -24.68
CA LEU D 20 -11.93 -10.77 -24.81
C LEU D 20 -12.49 -10.56 -26.22
N ARG D 21 -12.72 -11.66 -26.94
CA ARG D 21 -13.19 -11.59 -28.33
C ARG D 21 -14.25 -12.64 -28.64
N LYS D 22 -15.26 -12.21 -29.40
CA LYS D 22 -16.29 -13.12 -29.91
C LYS D 22 -15.70 -13.89 -31.09
N LEU D 23 -15.93 -15.20 -31.11
CA LEU D 23 -15.42 -16.05 -32.19
C LEU D 23 -16.28 -15.94 -33.46
N LEU D 24 -16.03 -14.88 -34.23
CA LEU D 24 -16.69 -14.66 -35.51
C LEU D 24 -15.79 -15.11 -36.66
N PRO D 25 -16.36 -15.88 -37.62
CA PRO D 25 -15.58 -16.51 -38.69
C PRO D 25 -14.85 -15.50 -39.56
N LYS D 26 -13.64 -15.87 -40.00
CA LYS D 26 -12.81 -15.06 -40.90
C LYS D 26 -12.39 -13.69 -40.33
N GLN D 27 -12.67 -13.48 -39.05
CA GLN D 27 -12.13 -12.34 -38.32
C GLN D 27 -10.91 -12.77 -37.50
N SER D 28 -10.12 -11.81 -37.05
CA SER D 28 -8.85 -12.11 -36.39
C SER D 28 -8.49 -11.12 -35.27
N LEU D 29 -7.55 -11.53 -34.43
CA LEU D 29 -6.93 -10.62 -33.47
C LEU D 29 -5.46 -10.44 -33.82
N SER D 30 -5.07 -9.17 -33.98
CA SER D 30 -3.69 -8.82 -34.27
C SER D 30 -3.10 -7.97 -33.16
N VAL D 31 -1.95 -8.40 -32.64
CA VAL D 31 -1.21 -7.62 -31.65
C VAL D 31 0.29 -7.66 -31.96
N LYS D 32 0.85 -6.48 -32.21
CA LYS D 32 2.25 -6.28 -32.65
C LYS D 32 2.80 -7.37 -33.59
N LYS D 33 2.34 -7.30 -34.85
CA LYS D 33 2.75 -8.21 -35.94
C LYS D 33 2.31 -9.67 -35.80
N SER D 34 1.95 -10.08 -34.58
CA SER D 34 1.40 -11.42 -34.35
C SER D 34 -0.10 -11.45 -34.58
N VAL D 35 -0.55 -12.46 -35.33
CA VAL D 35 -1.95 -12.58 -35.73
C VAL D 35 -2.54 -13.92 -35.28
N LEU D 36 -3.69 -13.85 -34.63
CA LEU D 36 -4.49 -15.04 -34.32
C LEU D 36 -5.79 -14.98 -35.11
N LYS D 37 -6.02 -15.99 -35.94
CA LYS D 37 -7.23 -16.08 -36.75
C LYS D 37 -8.27 -16.91 -36.01
N PHE D 38 -9.47 -16.35 -35.84
CA PHE D 38 -10.52 -17.00 -35.05
C PHE D 38 -10.97 -18.35 -35.59
N ASP D 39 -10.71 -18.59 -36.88
CA ASP D 39 -11.06 -19.85 -37.53
C ASP D 39 -10.23 -21.03 -37.04
N GLU D 40 -8.98 -20.77 -36.63
CA GLU D 40 -8.13 -21.80 -36.03
C GLU D 40 -8.53 -22.14 -34.59
N VAL D 41 -9.26 -21.22 -33.95
CA VAL D 41 -9.71 -21.39 -32.57
C VAL D 41 -11.00 -22.22 -32.50
N ILE D 42 -12.00 -21.84 -33.30
CA ILE D 42 -13.28 -22.55 -33.37
C ILE D 42 -13.05 -24.04 -33.66
N GLY D 43 -13.39 -24.88 -32.69
CA GLY D 43 -13.17 -26.32 -32.80
C GLY D 43 -12.11 -26.87 -31.86
N LYS D 44 -11.31 -25.99 -31.27
CA LYS D 44 -10.25 -26.39 -30.33
C LYS D 44 -10.74 -26.39 -28.88
N PRO D 45 -10.11 -27.18 -28.00
CA PRO D 45 -10.45 -27.16 -26.57
C PRO D 45 -9.92 -25.92 -25.85
N GLU D 46 -10.39 -25.70 -24.63
CA GLU D 46 -9.87 -24.64 -23.75
C GLU D 46 -8.42 -24.92 -23.38
N GLY D 47 -7.60 -23.86 -23.37
CA GLY D 47 -6.20 -23.99 -23.02
C GLY D 47 -5.29 -24.35 -24.18
N VAL D 48 -5.72 -24.05 -25.39
CA VAL D 48 -4.89 -24.24 -26.59
C VAL D 48 -3.89 -23.10 -26.75
N LYS D 49 -2.69 -23.46 -27.19
CA LYS D 49 -1.65 -22.50 -27.49
C LYS D 49 -1.54 -22.43 -29.02
N ILE D 50 -1.87 -21.28 -29.59
CA ILE D 50 -1.82 -21.09 -31.03
C ILE D 50 -1.05 -19.82 -31.39
N ASN D 51 0.14 -20.00 -31.96
CA ASN D 51 1.04 -18.90 -32.38
C ASN D 51 1.35 -17.90 -31.26
N GLY D 52 1.56 -18.44 -30.06
CA GLY D 52 1.85 -17.63 -28.88
C GLY D 52 0.61 -17.18 -28.11
N PHE D 53 -0.56 -17.45 -28.68
CA PHE D 53 -1.83 -17.05 -28.07
C PHE D 53 -2.47 -18.20 -27.31
N GLU D 54 -2.65 -18.02 -26.00
CA GLU D 54 -3.44 -18.95 -25.19
C GLU D 54 -4.90 -18.52 -25.22
N VAL D 55 -5.80 -19.50 -25.36
CA VAL D 55 -7.24 -19.21 -25.44
C VAL D 55 -8.03 -20.03 -24.43
N TYR D 56 -8.85 -19.33 -23.63
CA TYR D 56 -9.74 -19.96 -22.65
C TYR D 56 -11.11 -19.30 -22.70
N ARG D 57 -12.09 -19.87 -22.02
CA ARG D 57 -13.35 -19.18 -21.77
C ARG D 57 -13.18 -18.26 -20.56
N PRO D 58 -13.82 -17.07 -20.59
CA PRO D 58 -13.56 -16.10 -19.52
C PRO D 58 -14.18 -16.48 -18.18
N THR D 59 -13.52 -16.06 -17.09
CA THR D 59 -14.08 -16.21 -15.74
C THR D 59 -14.96 -15.01 -15.45
N LEU D 60 -15.71 -15.07 -14.35
CA LEU D 60 -16.50 -13.95 -13.82
C LEU D 60 -15.72 -12.64 -13.76
N GLU D 61 -14.50 -12.68 -13.26
CA GLU D 61 -13.66 -11.49 -13.18
C GLU D 61 -13.36 -10.91 -14.56
N GLU D 62 -12.94 -11.78 -15.48
CA GLU D 62 -12.63 -11.39 -16.86
C GLU D 62 -13.85 -10.87 -17.62
N ILE D 63 -15.00 -11.52 -17.40
CA ILE D 63 -16.28 -11.08 -17.98
C ILE D 63 -16.64 -9.65 -17.55
N ILE D 64 -16.53 -9.37 -16.26
CA ILE D 64 -16.85 -8.04 -15.72
C ILE D 64 -15.87 -6.98 -16.25
N LEU D 65 -14.58 -7.26 -16.17
CA LEU D 65 -13.58 -6.28 -16.53
C LEU D 65 -13.44 -6.05 -18.04
N LEU D 66 -13.74 -7.07 -18.84
CA LEU D 66 -13.51 -6.98 -20.28
C LEU D 66 -14.78 -7.13 -21.12
N GLY D 67 -15.83 -7.70 -20.54
CA GLY D 67 -17.05 -8.00 -21.28
C GLY D 67 -18.19 -7.01 -21.10
N PHE D 68 -18.41 -6.59 -19.86
CA PHE D 68 -19.52 -5.70 -19.52
C PHE D 68 -19.34 -4.31 -20.14
N GLU D 69 -20.38 -3.85 -20.83
CA GLU D 69 -20.45 -2.48 -21.30
C GLU D 69 -20.57 -1.55 -20.08
N ARG D 70 -19.79 -0.48 -20.10
CA ARG D 70 -19.80 0.49 -19.01
C ARG D 70 -20.45 1.81 -19.47
N LYS D 71 -21.67 2.04 -19.01
CA LYS D 71 -22.35 3.31 -19.23
C LYS D 71 -22.31 4.15 -17.96
N THR D 72 -21.61 3.61 -16.96
CA THR D 72 -21.52 4.24 -15.64
C THR D 72 -20.22 3.73 -14.98
N GLN D 73 -19.83 4.33 -13.86
CA GLN D 73 -18.67 3.85 -13.10
C GLN D 73 -19.00 2.49 -12.51
N ILE D 74 -18.12 1.52 -12.70
CA ILE D 74 -18.38 0.18 -12.20
C ILE D 74 -17.70 -0.10 -10.86
N ILE D 75 -18.21 -1.11 -10.17
CA ILE D 75 -17.53 -1.70 -9.02
C ILE D 75 -16.66 -2.86 -9.51
N TYR D 76 -15.36 -2.76 -9.26
CA TYR D 76 -14.39 -3.74 -9.72
C TYR D 76 -14.35 -4.97 -8.82
N PRO D 77 -14.08 -6.16 -9.40
CA PRO D 77 -13.99 -7.43 -8.67
C PRO D 77 -13.12 -7.37 -7.42
N LYS D 78 -12.03 -6.60 -7.49
CA LYS D 78 -11.20 -6.29 -6.32
C LYS D 78 -12.05 -6.00 -5.09
N ASP D 79 -13.07 -5.15 -5.28
CA ASP D 79 -13.97 -4.74 -4.22
C ASP D 79 -15.17 -5.68 -4.08
N SER D 80 -15.79 -6.04 -5.20
CA SER D 80 -17.04 -6.80 -5.21
C SER D 80 -16.92 -8.24 -4.73
N PHE D 81 -15.75 -8.87 -4.95
CA PHE D 81 -15.50 -10.23 -4.47
C PHE D 81 -15.45 -10.24 -2.94
N TYR D 82 -14.80 -9.24 -2.37
CA TYR D 82 -14.84 -9.03 -0.92
C TYR D 82 -16.24 -8.66 -0.41
N ILE D 83 -16.87 -7.66 -1.01
CA ILE D 83 -18.19 -7.17 -0.61
C ILE D 83 -19.24 -8.30 -0.49
N ALA D 84 -19.38 -9.11 -1.54
CA ALA D 84 -20.42 -10.15 -1.58
C ALA D 84 -20.35 -11.11 -0.39
N LEU D 85 -19.13 -11.52 -0.05
CA LEU D 85 -18.87 -12.47 1.02
C LEU D 85 -18.77 -11.79 2.39
N LYS D 86 -18.36 -10.52 2.40
CA LYS D 86 -18.39 -9.72 3.63
C LYS D 86 -19.83 -9.47 4.09
N LEU D 87 -20.73 -9.25 3.14
CA LEU D 87 -22.17 -9.12 3.40
C LEU D 87 -22.80 -10.44 3.89
N ASN D 88 -21.97 -11.47 4.04
CA ASN D 88 -22.36 -12.77 4.60
C ASN D 88 -23.39 -13.51 3.74
N LEU D 89 -23.29 -13.30 2.43
CA LEU D 89 -24.26 -13.85 1.50
C LEU D 89 -24.01 -15.32 1.18
N ASN D 90 -25.11 -16.03 0.94
CA ASN D 90 -25.10 -17.36 0.32
C ASN D 90 -26.44 -17.60 -0.37
N LYS D 91 -26.65 -18.82 -0.86
CA LYS D 91 -27.82 -19.16 -1.67
C LYS D 91 -29.14 -19.21 -0.88
N GLU D 92 -29.04 -19.10 0.44
CA GLU D 92 -30.22 -19.03 1.31
C GLU D 92 -30.65 -17.57 1.54
N LYS D 93 -29.91 -16.62 0.95
CA LYS D 93 -30.09 -15.22 1.32
C LYS D 93 -30.57 -14.28 0.22
N ARG D 94 -31.36 -13.29 0.64
CA ARG D 94 -31.88 -12.24 -0.23
C ARG D 94 -31.09 -10.95 0.00
N VAL D 95 -30.73 -10.27 -1.09
CA VAL D 95 -29.97 -9.03 -0.99
C VAL D 95 -30.61 -7.90 -1.81
N LEU D 96 -30.54 -6.69 -1.27
CA LEU D 96 -31.05 -5.48 -1.89
C LEU D 96 -29.85 -4.68 -2.42
N GLU D 97 -29.95 -4.19 -3.67
CA GLU D 97 -28.91 -3.35 -4.28
C GLU D 97 -29.49 -2.14 -5.02
N PHE D 98 -28.84 -0.98 -4.86
CA PHE D 98 -29.10 0.19 -5.69
C PHE D 98 -27.93 1.20 -5.59
N GLY D 99 -27.64 1.90 -6.69
CA GLY D 99 -28.26 1.68 -7.98
C GLY D 99 -27.54 0.61 -8.76
N THR D 100 -28.24 -0.02 -9.69
CA THR D 100 -27.71 -1.14 -10.47
C THR D 100 -26.51 -0.71 -11.31
N GLY D 101 -26.63 0.48 -11.93
CA GLY D 101 -25.60 0.98 -12.83
C GLY D 101 -25.47 0.04 -14.02
N SER D 102 -24.25 -0.47 -14.24
CA SER D 102 -23.94 -1.39 -15.33
C SER D 102 -24.03 -2.86 -14.95
N GLY D 103 -24.27 -3.14 -13.67
CA GLY D 103 -24.44 -4.51 -13.18
C GLY D 103 -23.17 -5.26 -12.81
N ALA D 104 -22.06 -4.53 -12.68
CA ALA D 104 -20.77 -5.14 -12.33
C ALA D 104 -20.76 -5.78 -10.92
N LEU D 105 -21.24 -5.05 -9.92
CA LEU D 105 -21.42 -5.63 -8.57
C LEU D 105 -22.57 -6.65 -8.58
N LEU D 106 -23.65 -6.32 -9.29
CA LEU D 106 -24.82 -7.19 -9.39
C LEU D 106 -24.48 -8.63 -9.82
N ALA D 107 -23.58 -8.76 -10.78
CA ALA D 107 -23.14 -10.07 -11.27
C ALA D 107 -22.55 -10.94 -10.18
N VAL D 108 -21.82 -10.30 -9.26
CA VAL D 108 -21.19 -10.99 -8.14
C VAL D 108 -22.22 -11.33 -7.05
N LEU D 109 -23.08 -10.37 -6.72
CA LEU D 109 -24.19 -10.61 -5.78
C LEU D 109 -25.11 -11.73 -6.27
N SER D 110 -25.37 -11.74 -7.57
CA SER D 110 -26.19 -12.77 -8.21
C SER D 110 -25.58 -14.16 -8.08
N GLU D 111 -24.27 -14.24 -8.27
CA GLU D 111 -23.55 -15.51 -8.20
C GLU D 111 -23.48 -16.07 -6.79
N VAL D 112 -23.45 -15.19 -5.79
CA VAL D 112 -23.32 -15.60 -4.38
C VAL D 112 -24.65 -15.75 -3.65
N ALA D 113 -25.59 -14.84 -3.88
CA ALA D 113 -26.85 -14.81 -3.13
C ALA D 113 -27.96 -15.64 -3.77
N GLY D 114 -28.98 -15.97 -2.98
CA GLY D 114 -30.13 -16.72 -3.49
C GLY D 114 -31.03 -15.86 -4.36
N GLU D 115 -31.29 -14.63 -3.92
CA GLU D 115 -32.17 -13.72 -4.67
C GLU D 115 -31.70 -12.27 -4.52
N VAL D 116 -31.70 -11.53 -5.63
CA VAL D 116 -31.32 -10.12 -5.63
C VAL D 116 -32.45 -9.22 -6.16
N TRP D 117 -32.74 -8.15 -5.43
CA TRP D 117 -33.63 -7.11 -5.96
C TRP D 117 -32.79 -5.87 -6.20
N THR D 118 -32.71 -5.46 -7.47
CA THR D 118 -31.94 -4.28 -7.87
C THR D 118 -32.82 -3.14 -8.35
N PHE D 119 -32.40 -1.92 -8.04
CA PHE D 119 -33.14 -0.72 -8.39
C PHE D 119 -32.23 0.28 -9.11
N GLU D 120 -32.67 0.72 -10.29
CA GLU D 120 -31.94 1.67 -11.11
C GLU D 120 -32.91 2.70 -11.70
N ALA D 121 -32.70 3.96 -11.34
CA ALA D 121 -33.59 5.06 -11.75
C ALA D 121 -33.52 5.40 -13.24
N VAL D 122 -32.32 5.33 -13.82
CA VAL D 122 -32.12 5.66 -15.23
C VAL D 122 -32.39 4.44 -16.11
N GLU D 123 -33.32 4.58 -17.05
CA GLU D 123 -33.77 3.47 -17.89
C GLU D 123 -32.68 2.87 -18.77
N GLU D 124 -31.81 3.74 -19.28
CA GLU D 124 -30.69 3.32 -20.14
C GLU D 124 -29.77 2.34 -19.42
N PHE D 125 -29.43 2.63 -18.16
CA PHE D 125 -28.53 1.80 -17.37
C PHE D 125 -29.21 0.50 -16.94
N TYR D 126 -30.50 0.59 -16.63
CA TYR D 126 -31.39 -0.52 -16.33
C TYR D 126 -31.39 -1.56 -17.45
N LYS D 127 -31.51 -1.09 -18.69
CA LYS D 127 -31.41 -1.95 -19.88
C LYS D 127 -30.01 -2.50 -20.09
N THR D 128 -29.00 -1.66 -19.84
CA THR D 128 -27.60 -2.05 -20.02
C THR D 128 -27.17 -3.16 -19.05
N ALA D 129 -27.47 -2.99 -17.77
CA ALA D 129 -27.18 -4.01 -16.76
C ALA D 129 -27.82 -5.34 -17.13
N GLN D 130 -29.09 -5.31 -17.52
CA GLN D 130 -29.80 -6.50 -17.97
C GLN D 130 -29.09 -7.17 -19.15
N LYS D 131 -28.76 -6.36 -20.15
CA LYS D 131 -28.02 -6.82 -21.32
C LYS D 131 -26.70 -7.46 -20.90
N ASN D 132 -25.94 -6.77 -20.06
CA ASN D 132 -24.65 -7.26 -19.58
C ASN D 132 -24.72 -8.66 -18.99
N LEU D 133 -25.68 -8.86 -18.08
CA LEU D 133 -25.81 -10.15 -17.39
C LEU D 133 -26.39 -11.23 -18.29
N LYS D 134 -27.43 -10.89 -19.06
CA LYS D 134 -28.04 -11.83 -20.02
C LYS D 134 -27.03 -12.34 -21.04
N LYS D 135 -26.15 -11.46 -21.51
CA LYS D 135 -25.11 -11.78 -22.48
C LYS D 135 -24.19 -12.91 -22.02
N PHE D 136 -23.87 -12.94 -20.73
CA PHE D 136 -22.93 -13.92 -20.19
C PHE D 136 -23.58 -14.98 -19.29
N ASN D 137 -24.88 -15.16 -19.47
CA ASN D 137 -25.67 -16.19 -18.76
C ASN D 137 -25.71 -15.99 -17.24
N LEU D 138 -25.88 -14.74 -16.83
CA LEU D 138 -25.90 -14.41 -15.41
C LEU D 138 -27.24 -13.78 -15.02
N GLY D 139 -27.50 -13.73 -13.71
CA GLY D 139 -28.63 -12.94 -13.17
C GLY D 139 -30.01 -13.55 -13.23
N LYS D 140 -30.08 -14.88 -13.21
CA LYS D 140 -31.37 -15.58 -13.27
C LYS D 140 -32.14 -15.52 -11.95
N ASN D 141 -31.45 -15.12 -10.88
CA ASN D 141 -32.06 -14.93 -9.58
C ASN D 141 -32.24 -13.46 -9.21
N VAL D 142 -32.27 -12.59 -10.23
CA VAL D 142 -32.35 -11.15 -10.03
C VAL D 142 -33.69 -10.56 -10.52
N LYS D 143 -34.31 -9.75 -9.67
CA LYS D 143 -35.41 -8.89 -10.06
C LYS D 143 -34.89 -7.48 -10.27
N PHE D 144 -35.00 -7.00 -11.52
CA PHE D 144 -34.61 -5.65 -11.91
C PHE D 144 -35.80 -4.69 -11.83
N PHE D 145 -35.59 -3.52 -11.24
CA PHE D 145 -36.63 -2.49 -11.17
C PHE D 145 -36.10 -1.15 -11.69
N ASN D 146 -36.81 -0.60 -12.67
CA ASN D 146 -36.50 0.72 -13.23
C ASN D 146 -37.27 1.80 -12.48
N VAL D 147 -36.80 2.10 -11.27
CA VAL D 147 -37.48 3.02 -10.39
C VAL D 147 -36.46 3.59 -9.40
N ASP D 148 -36.72 4.81 -8.93
CA ASP D 148 -35.99 5.41 -7.83
C ASP D 148 -36.31 4.61 -6.57
N PHE D 149 -35.25 4.19 -5.87
CA PHE D 149 -35.37 3.42 -4.62
C PHE D 149 -36.32 4.05 -3.60
N LYS D 150 -36.29 5.38 -3.50
CA LYS D 150 -37.17 6.11 -2.57
C LYS D 150 -38.65 6.01 -2.91
N ASP D 151 -38.97 5.74 -4.18
CA ASP D 151 -40.35 5.60 -4.65
C ASP D 151 -40.81 4.15 -4.69
N ALA D 152 -39.86 3.23 -4.79
CA ALA D 152 -40.15 1.79 -4.90
C ALA D 152 -40.87 1.23 -3.69
N GLU D 153 -41.70 0.22 -3.94
CA GLU D 153 -42.30 -0.54 -2.86
C GLU D 153 -41.37 -1.71 -2.52
N VAL D 154 -40.61 -1.52 -1.45
CA VAL D 154 -39.59 -2.48 -1.04
C VAL D 154 -40.07 -3.14 0.25
N PRO D 155 -40.25 -4.48 0.21
CA PRO D 155 -40.75 -5.26 1.34
C PRO D 155 -39.92 -5.03 2.60
N GLU D 156 -40.62 -4.65 3.67
CA GLU D 156 -39.98 -4.31 4.93
C GLU D 156 -39.49 -5.52 5.69
N GLY D 157 -38.30 -5.40 6.28
CA GLY D 157 -37.75 -6.36 7.23
C GLY D 157 -37.38 -7.73 6.70
N ILE D 158 -37.23 -7.87 5.38
CA ILE D 158 -36.99 -9.20 4.79
C ILE D 158 -35.61 -9.45 4.14
N PHE D 159 -34.83 -8.41 3.88
CA PHE D 159 -33.52 -8.61 3.22
C PHE D 159 -32.41 -8.96 4.20
N HIS D 160 -31.61 -9.96 3.83
CA HIS D 160 -30.50 -10.42 4.67
C HIS D 160 -29.29 -9.47 4.59
N ALA D 161 -29.26 -8.65 3.56
CA ALA D 161 -28.18 -7.68 3.36
C ALA D 161 -28.62 -6.63 2.36
N ALA D 162 -27.91 -5.51 2.39
CA ALA D 162 -28.07 -4.47 1.39
C ALA D 162 -26.70 -3.89 1.04
N PHE D 163 -26.55 -3.48 -0.22
CA PHE D 163 -25.40 -2.69 -0.59
C PHE D 163 -25.85 -1.46 -1.37
N VAL D 164 -25.33 -0.30 -0.97
CA VAL D 164 -25.74 0.99 -1.55
C VAL D 164 -24.57 1.67 -2.30
N ASP D 165 -24.79 1.93 -3.59
CA ASP D 165 -23.85 2.68 -4.41
C ASP D 165 -24.54 3.87 -5.08
N VAL D 166 -24.57 4.98 -4.35
CA VAL D 166 -25.22 6.23 -4.77
C VAL D 166 -24.33 7.39 -4.27
N ARG D 167 -24.50 8.58 -4.86
CA ARG D 167 -23.72 9.76 -4.47
C ARG D 167 -23.94 10.17 -3.02
N GLU D 168 -25.20 10.13 -2.57
CA GLU D 168 -25.57 10.58 -1.23
C GLU D 168 -26.44 9.54 -0.50
N PRO D 169 -25.81 8.45 -0.03
CA PRO D 169 -26.53 7.33 0.60
C PRO D 169 -27.24 7.71 1.91
N TRP D 170 -26.79 8.78 2.54
CA TRP D 170 -27.39 9.24 3.79
C TRP D 170 -28.88 9.64 3.66
N HIS D 171 -29.33 9.88 2.43
CA HIS D 171 -30.75 10.21 2.16
C HIS D 171 -31.66 8.98 2.12
N TYR D 172 -31.06 7.79 2.25
CA TYR D 172 -31.79 6.54 2.06
C TYR D 172 -31.68 5.60 3.25
N LEU D 173 -31.00 6.06 4.29
CA LEU D 173 -30.69 5.24 5.48
C LEU D 173 -31.91 4.66 6.18
N GLU D 174 -32.96 5.47 6.34
CA GLU D 174 -34.18 5.02 7.02
C GLU D 174 -34.84 3.86 6.28
N LYS D 175 -35.00 4.01 4.97
CA LYS D 175 -35.68 3.01 4.15
C LYS D 175 -34.85 1.73 4.00
N VAL D 176 -33.54 1.87 3.82
CA VAL D 176 -32.63 0.73 3.80
C VAL D 176 -32.73 -0.04 5.11
N HIS D 177 -32.66 0.70 6.23
CA HIS D 177 -32.81 0.13 7.57
C HIS D 177 -34.10 -0.72 7.71
N LYS D 178 -35.21 -0.15 7.26
CA LYS D 178 -36.53 -0.81 7.31
C LYS D 178 -36.64 -2.05 6.42
N SER D 179 -35.90 -2.07 5.30
CA SER D 179 -35.95 -3.18 4.35
C SER D 179 -35.24 -4.43 4.87
N LEU D 180 -34.40 -4.25 5.88
CA LEU D 180 -33.51 -5.30 6.34
C LEU D 180 -34.04 -6.06 7.55
N MET D 181 -33.65 -7.33 7.64
CA MET D 181 -33.87 -8.14 8.83
C MET D 181 -32.99 -7.64 9.96
N GLU D 182 -33.30 -8.06 11.19
CA GLU D 182 -32.55 -7.61 12.37
C GLU D 182 -31.10 -8.07 12.33
N GLY D 183 -30.19 -7.16 12.69
CA GLY D 183 -28.75 -7.42 12.66
C GLY D 183 -28.10 -7.58 11.29
N ALA D 184 -28.84 -7.30 10.23
CA ALA D 184 -28.35 -7.51 8.85
C ALA D 184 -27.21 -6.56 8.44
N PRO D 185 -26.20 -7.11 7.73
CA PRO D 185 -25.11 -6.30 7.15
C PRO D 185 -25.58 -5.33 6.07
N VAL D 186 -24.96 -4.16 6.04
CA VAL D 186 -25.05 -3.23 4.91
C VAL D 186 -23.65 -2.89 4.45
N GLY D 187 -23.53 -2.50 3.18
CA GLY D 187 -22.30 -1.98 2.66
C GLY D 187 -22.58 -0.74 1.85
N PHE D 188 -21.62 0.18 1.83
CA PHE D 188 -21.71 1.39 1.04
C PHE D 188 -20.42 1.55 0.23
N LEU D 189 -20.56 1.98 -1.02
CA LEU D 189 -19.41 2.36 -1.83
C LEU D 189 -19.33 3.87 -1.96
N LEU D 190 -18.25 4.45 -1.44
CA LEU D 190 -18.01 5.90 -1.49
C LEU D 190 -16.59 6.23 -1.94
N PRO D 191 -16.45 6.81 -3.15
CA PRO D 191 -15.14 7.11 -3.73
C PRO D 191 -14.35 8.19 -2.97
N THR D 192 -15.08 9.05 -2.26
CA THR D 192 -14.54 10.27 -1.69
C THR D 192 -14.55 10.22 -0.15
N ALA D 193 -13.52 10.79 0.48
CA ALA D 193 -13.47 10.92 1.95
C ALA D 193 -14.58 11.81 2.52
N ASN D 194 -14.97 12.85 1.78
CA ASN D 194 -16.05 13.75 2.20
C ASN D 194 -17.36 12.98 2.38
N GLN D 195 -17.65 12.09 1.44
CA GLN D 195 -18.84 11.22 1.50
C GLN D 195 -18.82 10.29 2.70
N VAL D 196 -17.65 9.73 3.00
CA VAL D 196 -17.51 8.84 4.14
C VAL D 196 -17.74 9.59 5.45
N ILE D 197 -17.03 10.71 5.65
CA ILE D 197 -17.25 11.59 6.80
C ILE D 197 -18.74 11.94 6.95
N LYS D 198 -19.37 12.34 5.84
CA LYS D 198 -20.80 12.70 5.84
C LYS D 198 -21.70 11.50 6.21
N LEU D 199 -21.37 10.32 5.71
CA LEU D 199 -22.14 9.12 6.04
C LEU D 199 -21.98 8.75 7.51
N LEU D 200 -20.77 8.86 8.04
CA LEU D 200 -20.50 8.54 9.46
C LEU D 200 -21.24 9.49 10.41
N GLU D 201 -21.45 10.72 9.95
CA GLU D 201 -22.22 11.71 10.69
C GLU D 201 -23.70 11.34 10.79
N SER D 202 -24.20 10.60 9.80
CA SER D 202 -25.64 10.33 9.66
C SER D 202 -26.06 8.91 10.07
N ILE D 203 -25.10 7.99 10.11
CA ILE D 203 -25.37 6.55 10.21
C ILE D 203 -25.69 6.04 11.63
N GLU D 204 -25.38 6.85 12.64
CA GLU D 204 -25.37 6.37 14.04
C GLU D 204 -26.69 5.82 14.57
N ASN D 205 -27.80 6.33 14.04
CA ASN D 205 -29.12 5.86 14.45
C ASN D 205 -29.49 4.50 13.87
N TYR D 206 -28.82 4.10 12.79
CA TYR D 206 -29.29 2.96 12.00
C TYR D 206 -28.38 1.74 12.01
N PHE D 207 -27.08 1.96 11.96
CA PHE D 207 -26.13 0.85 11.79
C PHE D 207 -24.96 0.98 12.76
N GLY D 208 -24.61 -0.14 13.38
CA GLY D 208 -23.48 -0.22 14.31
C GLY D 208 -22.47 -1.21 13.77
N ASN D 209 -21.52 -1.60 14.61
CA ASN D 209 -20.41 -2.47 14.22
C ASN D 209 -19.76 -1.99 12.92
N LEU D 210 -19.45 -0.70 12.90
CA LEU D 210 -19.01 -0.03 11.69
C LEU D 210 -17.57 -0.40 11.34
N GLU D 211 -17.31 -0.47 10.05
CA GLU D 211 -15.98 -0.79 9.52
C GLU D 211 -15.81 0.02 8.25
N VAL D 212 -14.63 0.59 8.06
CA VAL D 212 -14.27 1.24 6.81
C VAL D 212 -12.95 0.65 6.37
N VAL D 213 -12.91 0.17 5.14
CA VAL D 213 -11.74 -0.51 4.63
C VAL D 213 -11.50 -0.05 3.19
N GLU D 214 -10.23 0.01 2.80
CA GLU D 214 -9.84 0.17 1.41
C GLU D 214 -9.04 -1.05 1.00
N ILE D 215 -9.26 -1.50 -0.23
CA ILE D 215 -8.60 -2.70 -0.75
C ILE D 215 -7.62 -2.32 -1.85
N LEU D 216 -6.38 -2.76 -1.69
CA LEU D 216 -5.34 -2.56 -2.69
C LEU D 216 -4.86 -3.90 -3.25
N HIS D 217 -4.85 -3.99 -4.58
CA HIS D 217 -4.25 -5.12 -5.29
C HIS D 217 -2.97 -4.64 -5.94
N ARG D 218 -1.91 -5.41 -5.78
CA ARG D 218 -0.70 -5.16 -6.52
C ARG D 218 -0.28 -6.44 -7.23
N HIS D 219 -0.13 -6.35 -8.55
CA HIS D 219 0.25 -7.49 -9.36
C HIS D 219 1.76 -7.53 -9.56
N TYR D 220 2.25 -8.72 -9.90
CA TYR D 220 3.67 -8.98 -10.08
C TYR D 220 3.95 -9.52 -11.48
N LYS D 221 5.16 -9.28 -11.97
CA LYS D 221 5.64 -9.91 -13.19
C LYS D 221 5.68 -11.41 -12.95
N THR D 222 5.25 -12.18 -13.95
CA THR D 222 5.21 -13.63 -13.82
C THR D 222 6.42 -14.31 -14.50
N ILE D 223 7.53 -13.59 -14.53
CA ILE D 223 8.79 -14.16 -15.03
C ILE D 223 9.70 -14.54 -13.86
N SER D 224 10.04 -15.82 -13.79
CA SER D 224 10.73 -16.43 -12.64
C SER D 224 12.03 -15.71 -12.23
N GLU D 225 12.86 -15.40 -13.23
CA GLU D 225 14.21 -14.86 -13.01
C GLU D 225 14.23 -13.36 -12.69
N ARG D 226 13.11 -12.68 -12.95
CA ARG D 226 12.97 -11.25 -12.68
C ARG D 226 11.64 -10.95 -11.99
N PHE D 227 11.42 -11.63 -10.86
CA PHE D 227 10.17 -11.52 -10.14
C PHE D 227 10.15 -10.20 -9.35
N ARG D 228 9.13 -9.40 -9.60
CA ARG D 228 8.99 -8.08 -8.99
C ARG D 228 7.57 -7.56 -9.20
N PRO D 229 7.13 -6.56 -8.42
CA PRO D 229 5.86 -5.92 -8.73
C PRO D 229 5.87 -5.18 -10.07
N GLU D 230 4.71 -5.13 -10.72
CA GLU D 230 4.48 -4.28 -11.89
C GLU D 230 4.79 -2.81 -11.58
N ASP D 231 5.00 -2.02 -12.63
CA ASP D 231 5.35 -0.60 -12.51
C ASP D 231 4.24 0.25 -11.91
N GLN D 232 3.00 -0.05 -12.30
CA GLN D 232 1.85 0.73 -11.86
C GLN D 232 0.77 -0.16 -11.26
N MET D 233 -0.11 0.46 -10.48
CA MET D 233 -1.26 -0.22 -9.90
C MET D 233 -2.42 0.76 -9.78
N VAL D 234 -3.64 0.22 -9.71
CA VAL D 234 -4.81 1.00 -9.34
C VAL D 234 -4.54 1.44 -7.91
N ALA D 235 -4.65 2.75 -7.66
CA ALA D 235 -4.34 3.30 -6.36
C ALA D 235 -5.59 3.35 -5.48
N HIS D 236 -6.73 3.59 -6.11
CA HIS D 236 -7.97 3.81 -5.38
C HIS D 236 -9.16 3.56 -6.31
N THR D 237 -10.15 2.84 -5.80
CA THR D 237 -11.46 2.73 -6.44
C THR D 237 -12.49 3.41 -5.54
N ALA D 238 -12.59 2.96 -4.29
CA ALA D 238 -13.51 3.55 -3.29
C ALA D 238 -13.22 3.08 -1.88
N TYR D 239 -13.61 3.90 -0.90
CA TYR D 239 -13.71 3.47 0.48
C TYR D 239 -14.94 2.58 0.61
N LEU D 240 -14.79 1.48 1.33
CA LEU D 240 -15.90 0.56 1.56
C LEU D 240 -16.35 0.68 3.00
N VAL D 241 -17.64 0.98 3.19
CA VAL D 241 -18.21 1.13 4.53
C VAL D 241 -19.17 -0.01 4.84
N PHE D 242 -18.95 -0.69 5.97
CA PHE D 242 -19.77 -1.80 6.39
C PHE D 242 -20.35 -1.56 7.78
N GLY D 243 -21.58 -2.00 7.99
CA GLY D 243 -22.19 -1.98 9.31
C GLY D 243 -23.21 -3.09 9.48
N ARG D 244 -23.90 -3.08 10.61
CA ARG D 244 -24.94 -4.05 10.92
C ARG D 244 -26.17 -3.35 11.48
N LYS D 245 -27.36 -3.78 11.06
CA LYS D 245 -28.61 -3.11 11.47
C LYS D 245 -28.76 -3.09 12.99
N LEU D 246 -29.01 -1.89 13.52
CA LEU D 246 -29.31 -1.69 14.94
C LEU D 246 -30.81 -1.80 15.17
N LYS D 247 -31.19 -2.44 16.28
CA LYS D 247 -32.60 -2.77 16.56
C LYS D 247 -33.58 -1.61 16.41
N THR D 248 -33.32 -0.50 17.14
CA THR D 248 -34.26 0.63 17.24
C THR D 248 -35.68 0.21 17.65
N SAM E . 6.79 18.11 14.52
CA SAM E . 7.06 17.85 15.95
C SAM E . 8.08 16.72 16.12
O SAM E . 8.57 16.16 15.12
OXT SAM E . 8.45 16.34 17.25
CB SAM E . 5.77 17.52 16.68
CG SAM E . 4.77 18.67 16.72
SD SAM E . 3.42 18.36 17.87
CE SAM E . 2.37 17.22 16.94
C5' SAM E . 2.48 19.92 17.75
C4' SAM E . 3.11 21.01 18.59
O4' SAM E . 2.73 22.31 18.17
C3' SAM E . 2.70 20.92 20.05
O3' SAM E . 3.90 20.74 20.77
C2' SAM E . 2.01 22.25 20.37
O2' SAM E . 2.32 22.74 21.66
C1' SAM E . 2.58 23.17 19.29
N9 SAM E . 1.76 24.32 18.85
C8 SAM E . 0.45 24.33 18.48
N7 SAM E . 0.12 25.58 18.10
C5 SAM E . 1.22 26.36 18.19
C6 SAM E . 1.44 27.72 17.92
N6 SAM E . 0.46 28.49 17.48
N1 SAM E . 2.70 28.25 18.12
C2 SAM E . 3.73 27.47 18.59
N3 SAM E . 3.49 26.13 18.86
C4 SAM E . 2.26 25.59 18.65
N SAM F . 21.34 5.60 -9.62
CA SAM F . 21.36 6.20 -10.97
C SAM F . 20.42 7.39 -11.07
O SAM F . 19.71 7.72 -10.12
OXT SAM F . 20.37 8.07 -12.11
CB SAM F . 21.04 5.12 -12.01
CG SAM F . 22.18 4.12 -12.22
SD SAM F . 21.86 2.95 -13.56
CE SAM F . 20.48 1.97 -12.93
C5' SAM F . 23.24 1.78 -13.35
C4' SAM F . 24.55 2.35 -13.87
O4' SAM F . 25.68 1.71 -13.27
C3' SAM F . 24.71 2.15 -15.37
O3' SAM F . 24.88 3.44 -15.92
C2' SAM F . 25.96 1.31 -15.55
O2' SAM F . 26.74 1.78 -16.62
C1' SAM F . 26.70 1.54 -14.23
N9 SAM F . 27.60 0.47 -13.77
C8 SAM F . 27.35 -0.88 -13.69
N7 SAM F . 28.43 -1.49 -13.16
C5 SAM F . 29.38 -0.56 -12.89
C6 SAM F . 30.66 -0.65 -12.36
N6 SAM F . 31.18 -1.82 -11.99
N1 SAM F . 31.41 0.51 -12.20
C2 SAM F . 30.89 1.74 -12.56
N3 SAM F . 29.61 1.80 -13.10
C4 SAM F . 28.87 0.68 -13.26
N SAM G . -5.40 -23.26 3.84
CA SAM G . -5.51 -23.71 5.25
C SAM G . -6.44 -22.78 6.04
O SAM G . -6.99 -21.84 5.48
OXT SAM G . -6.68 -22.98 7.24
CB SAM G . -4.13 -23.75 5.89
CG SAM G . -3.20 -24.73 5.20
SD SAM G . -1.76 -25.16 6.22
CE SAM G . -0.68 -23.73 5.99
C5' SAM G . -0.96 -26.35 5.10
C4' SAM G . -1.42 -27.76 5.43
O4' SAM G . -1.25 -28.62 4.33
C3' SAM G . -0.63 -28.35 6.58
O3' SAM G . -1.53 -28.52 7.66
C2' SAM G . -0.09 -29.67 6.07
O2' SAM G . -0.30 -30.71 7.00
C1' SAM G . -0.90 -29.91 4.80
N9 SAM G . -0.23 -30.63 3.70
C8 SAM G . 1.02 -30.40 3.18
N7 SAM G . 1.22 -31.25 2.15
C5 SAM G . 0.12 -32.02 2.01
C6 SAM G . -0.21 -33.04 1.12
N6 SAM G . 0.65 -33.44 0.19
N1 SAM G . -1.46 -33.65 1.22
C2 SAM G . -2.36 -33.24 2.19
N3 SAM G . -2.02 -32.23 3.06
C4 SAM G . -0.81 -31.62 2.97
N SAM H . -22.58 -0.58 -8.41
CA SAM H . -22.78 -0.37 -9.86
C SAM H . -21.87 -1.24 -10.71
O SAM H . -21.07 -2.01 -10.17
OXT SAM H . -21.90 -1.20 -11.94
CB SAM H . -22.54 1.10 -10.20
CG SAM H . -23.58 2.05 -9.65
SD SAM H . -23.46 3.68 -10.41
CE SAM H . -21.93 4.36 -9.69
C5' SAM H . -24.71 4.60 -9.49
C4' SAM H . -26.10 4.34 -10.05
O4' SAM H . -27.08 4.50 -9.05
C3' SAM H . -26.45 5.30 -11.19
O3' SAM H . -26.67 4.54 -12.34
C2' SAM H . -27.70 6.02 -10.73
O2' SAM H . -28.66 6.16 -11.76
C1' SAM H . -28.23 5.11 -9.63
N9 SAM H . -29.01 5.82 -8.59
C8 SAM H . -28.65 6.96 -7.91
N7 SAM H . -29.65 7.26 -7.04
C5 SAM H . -30.63 6.33 -7.15
C6 SAM H . -31.85 6.17 -6.50
N6 SAM H . -32.24 7.03 -5.58
N1 SAM H . -32.65 5.09 -6.84
C2 SAM H . -32.25 4.18 -7.80
N3 SAM H . -31.03 4.36 -8.44
C4 SAM H . -30.23 5.41 -8.12
#